data_4QPD
#
_entry.id   4QPD
#
_cell.length_a   54.501
_cell.length_b   100.415
_cell.length_c   122.519
_cell.angle_alpha   90.00
_cell.angle_beta   90.00
_cell.angle_gamma   90.00
#
_symmetry.space_group_name_H-M   'P 21 21 21'
#
loop_
_entity.id
_entity.type
_entity.pdbx_description
1 polymer '10-formyltetrahydrofolate dehydrogenase'
2 non-polymer DI(HYDROXYETHYL)ETHER
3 non-polymer (6S)-5,6,7,8-TETRAHYDROFOLATE
4 water water
#
_entity_poly.entity_id   1
_entity_poly.type   'polypeptide(L)'
_entity_poly.pdbx_seq_one_letter_code
;MKIAVIGQSLFGQEVYKELKNEGHMIVGVFTIPDKDGKVDPLAIEAEKDGVPVFKFPRWRLKGKAITEVVDQYKAVGAEL
NVLPFCSQFIPMEVIDHPKHGSIIYHPSLLPRHRGASAINWTLIHGDKKGGFTVFWADDGLDTGPILLQRECDVEPNDNV
NSIYKRFLFPEGVKGMVEAVRLIATGKAPRIKQPEEGATYECIQKKENSKIDWNQPAEAIHNWIRGNDRVPGAWAEIDGK
SVSFYGSTLLENDHFSSNGQPLEIPGASRAALVTKNGLVLFGNDGKMLLVKNLQFEDGKMIPGSQYFKAGVEHHHHHH
;
_entity_poly.pdbx_strand_id   A,B
#
loop_
_chem_comp.id
_chem_comp.type
_chem_comp.name
_chem_comp.formula
PEG non-polymer DI(HYDROXYETHYL)ETHER 'C4 H10 O3'
THG non-polymer (6S)-5,6,7,8-TETRAHYDROFOLATE 'C19 H23 N7 O6'
#
# COMPACT_ATOMS: atom_id res chain seq x y z
N MET A 1 13.71 29.06 -20.02
CA MET A 1 12.44 28.39 -20.27
C MET A 1 11.55 28.37 -19.03
N LYS A 2 10.27 28.04 -19.24
CA LYS A 2 9.29 27.95 -18.17
C LYS A 2 9.39 26.60 -17.46
N ILE A 3 9.63 26.63 -16.15
CA ILE A 3 9.95 25.43 -15.39
C ILE A 3 9.01 25.25 -14.19
N ALA A 4 8.50 24.03 -14.03
CA ALA A 4 7.77 23.66 -12.82
C ALA A 4 8.67 22.81 -11.95
N VAL A 5 8.88 23.22 -10.70
CA VAL A 5 9.73 22.47 -9.79
C VAL A 5 8.86 21.61 -8.89
N ILE A 6 9.02 20.30 -9.00
CA ILE A 6 8.21 19.36 -8.23
C ILE A 6 9.13 18.58 -7.30
N GLY A 7 9.20 19.00 -6.04
CA GLY A 7 10.11 18.38 -5.09
C GLY A 7 10.00 18.99 -3.70
N GLN A 8 11.09 18.90 -2.93
CA GLN A 8 11.06 19.33 -1.55
C GLN A 8 12.47 19.49 -0.96
N SER A 9 12.52 20.03 0.25
CA SER A 9 13.74 20.17 1.07
C SER A 9 14.72 21.21 0.52
N LEU A 10 15.82 21.39 1.25
CA LEU A 10 16.87 22.34 0.88
C LEU A 10 17.40 22.10 -0.53
N PHE A 11 17.59 20.84 -0.89
CA PHE A 11 18.08 20.50 -2.23
C PHE A 11 17.14 21.05 -3.30
N GLY A 12 15.84 20.86 -3.10
CA GLY A 12 14.85 21.40 -4.01
C GLY A 12 14.89 22.92 -4.05
N GLN A 13 15.07 23.52 -2.89
CA GLN A 13 15.16 24.96 -2.75
C GLN A 13 16.34 25.52 -3.54
N GLU A 14 17.51 24.90 -3.37
CA GLU A 14 18.71 25.36 -4.06
C GLU A 14 18.60 25.20 -5.58
N VAL A 15 18.09 24.06 -6.03
CA VAL A 15 17.83 23.87 -7.45
C VAL A 15 16.89 24.96 -7.99
N TYR A 16 15.83 25.24 -7.24
CA TYR A 16 14.93 26.35 -7.58
C TYR A 16 15.72 27.65 -7.73
N LYS A 17 16.45 28.02 -6.69
CA LYS A 17 17.20 29.28 -6.65
C LYS A 17 18.20 29.42 -7.79
N GLU A 18 18.91 28.33 -8.08
CA GLU A 18 19.95 28.36 -9.11
C GLU A 18 19.35 28.46 -10.50
N LEU A 19 18.22 27.80 -10.72
CA LEU A 19 17.53 27.86 -12.01
C LEU A 19 16.93 29.25 -12.23
N LYS A 20 16.38 29.84 -11.17
CA LYS A 20 15.85 31.20 -11.22
C LYS A 20 16.94 32.20 -11.60
N ASN A 21 18.13 32.00 -11.05
CA ASN A 21 19.23 32.96 -11.26
C ASN A 21 20.02 32.70 -12.54
N GLU A 22 19.63 31.66 -13.26
CA GLU A 22 20.11 31.44 -14.61
C GLU A 22 19.15 32.06 -15.62
N GLY A 23 18.09 32.68 -15.09
CA GLY A 23 17.14 33.40 -15.92
C GLY A 23 15.88 32.64 -16.28
N HIS A 24 15.75 31.40 -15.77
CA HIS A 24 14.55 30.62 -16.09
C HIS A 24 13.33 31.14 -15.34
N MET A 25 12.17 31.04 -15.96
CA MET A 25 10.91 31.44 -15.33
C MET A 25 10.30 30.26 -14.58
N ILE A 26 10.28 30.34 -13.25
CA ILE A 26 9.61 29.32 -12.46
C ILE A 26 8.12 29.66 -12.42
N VAL A 27 7.33 28.94 -13.20
CA VAL A 27 5.90 29.22 -13.31
C VAL A 27 5.11 28.52 -12.20
N GLY A 28 5.77 27.66 -11.44
CA GLY A 28 5.10 26.92 -10.39
C GLY A 28 5.98 26.02 -9.54
N VAL A 29 5.58 25.87 -8.28
CA VAL A 29 6.30 25.03 -7.34
C VAL A 29 5.33 24.09 -6.63
N PHE A 30 5.61 22.80 -6.72
CA PHE A 30 4.72 21.77 -6.20
C PHE A 30 5.48 20.94 -5.16
N THR A 31 5.19 21.20 -3.88
CA THR A 31 5.90 20.51 -2.81
C THR A 31 4.94 19.80 -1.85
N ILE A 32 5.45 19.34 -0.72
CA ILE A 32 4.65 18.58 0.23
C ILE A 32 3.90 19.52 1.19
N PRO A 33 2.82 19.04 1.80
CA PRO A 33 2.06 19.83 2.76
C PRO A 33 2.89 20.27 3.97
N ASP A 34 2.44 21.34 4.63
CA ASP A 34 3.05 21.75 5.89
C ASP A 34 2.91 20.64 6.93
N LYS A 35 3.94 20.44 7.74
CA LYS A 35 3.87 19.52 8.85
C LYS A 35 4.15 20.27 10.14
N ASP A 36 3.14 20.38 11.00
CA ASP A 36 3.29 21.00 12.32
C ASP A 36 3.83 22.44 12.22
N GLY A 37 3.22 23.23 11.35
CA GLY A 37 3.63 24.62 11.18
C GLY A 37 5.01 24.79 10.56
N LYS A 38 5.60 23.69 10.12
CA LYS A 38 6.85 23.76 9.38
C LYS A 38 6.54 23.82 7.90
N VAL A 39 7.02 24.86 7.24
CA VAL A 39 6.83 24.99 5.80
C VAL A 39 8.09 24.51 5.09
N ASP A 40 7.91 23.77 4.01
CA ASP A 40 9.05 23.29 3.22
C ASP A 40 9.84 24.47 2.69
N PRO A 41 11.17 24.40 2.81
CA PRO A 41 12.08 25.47 2.36
C PRO A 41 11.85 25.87 0.91
N LEU A 42 11.46 24.92 0.05
CA LEU A 42 11.15 25.21 -1.34
C LEU A 42 9.93 26.12 -1.47
N ALA A 43 8.89 25.83 -0.68
CA ALA A 43 7.70 26.66 -0.68
C ALA A 43 7.98 28.05 -0.14
N ILE A 44 8.80 28.12 0.91
CA ILE A 44 9.17 29.39 1.53
C ILE A 44 9.88 30.32 0.55
N GLU A 45 10.90 29.79 -0.13
CA GLU A 45 11.67 30.57 -1.10
C GLU A 45 10.78 31.07 -2.25
N ALA A 46 9.95 30.18 -2.79
CA ALA A 46 9.10 30.52 -3.92
C ALA A 46 8.07 31.59 -3.61
N GLU A 47 7.36 31.44 -2.48
CA GLU A 47 6.34 32.41 -2.07
C GLU A 47 6.95 33.80 -1.95
N LYS A 48 8.15 33.85 -1.38
CA LYS A 48 8.94 35.06 -1.28
C LYS A 48 9.09 35.75 -2.64
N ASP A 49 9.50 34.97 -3.64
CA ASP A 49 9.72 35.46 -4.99
C ASP A 49 8.41 35.75 -5.72
N GLY A 50 7.29 35.39 -5.11
CA GLY A 50 5.99 35.57 -5.73
C GLY A 50 5.63 34.50 -6.77
N VAL A 51 6.20 33.32 -6.60
CA VAL A 51 5.95 32.19 -7.49
C VAL A 51 4.85 31.31 -6.92
N PRO A 52 3.88 30.91 -7.76
CA PRO A 52 2.77 30.02 -7.36
C PRO A 52 3.26 28.77 -6.61
N VAL A 53 2.65 28.48 -5.47
CA VAL A 53 3.05 27.33 -4.65
C VAL A 53 1.90 26.36 -4.44
N PHE A 54 2.14 25.10 -4.75
CA PHE A 54 1.13 24.06 -4.59
C PHE A 54 1.61 23.02 -3.58
N LYS A 55 0.67 22.46 -2.82
CA LYS A 55 1.02 21.50 -1.77
C LYS A 55 0.04 20.33 -1.75
N PHE A 56 -0.11 19.68 -2.89
CA PHE A 56 -0.99 18.53 -3.02
C PHE A 56 -0.52 17.38 -2.15
N PRO A 57 -1.39 16.88 -1.27
CA PRO A 57 -1.04 15.72 -0.42
C PRO A 57 -0.80 14.49 -1.29
N ARG A 58 -1.44 14.46 -2.46
CA ARG A 58 -1.18 13.38 -3.42
C ARG A 58 -1.58 13.72 -4.84
N TRP A 59 -1.00 13.00 -5.80
CA TRP A 59 -1.21 13.23 -7.22
C TRP A 59 -2.17 12.22 -7.82
N ARG A 60 -2.22 11.03 -7.22
CA ARG A 60 -3.05 9.94 -7.71
C ARG A 60 -3.92 9.36 -6.59
N LEU A 61 -5.06 8.78 -6.98
CA LEU A 61 -5.91 8.04 -6.06
C LEU A 61 -6.55 6.88 -6.82
N LYS A 62 -6.66 5.73 -6.15
CA LYS A 62 -7.11 4.49 -6.77
C LYS A 62 -6.27 4.16 -8.01
N GLY A 63 -4.98 4.47 -7.94
CA GLY A 63 -4.07 4.26 -9.05
C GLY A 63 -4.49 5.00 -10.31
N LYS A 64 -4.92 6.25 -10.13
CA LYS A 64 -5.42 7.06 -11.23
C LYS A 64 -5.19 8.54 -10.95
N ALA A 65 -4.73 9.28 -11.95
CA ALA A 65 -4.42 10.70 -11.79
C ALA A 65 -5.61 11.49 -11.26
N ILE A 66 -5.42 12.26 -10.20
CA ILE A 66 -6.46 13.14 -9.69
C ILE A 66 -6.63 14.32 -10.64
N THR A 67 -7.79 14.39 -11.29
CA THR A 67 -8.02 15.34 -12.38
C THR A 67 -7.88 16.80 -11.96
N GLU A 68 -8.33 17.12 -10.74
CA GLU A 68 -8.29 18.50 -10.25
C GLU A 68 -6.87 19.01 -10.06
N VAL A 69 -6.00 18.16 -9.54
CA VAL A 69 -4.62 18.58 -9.30
C VAL A 69 -3.83 18.54 -10.61
N VAL A 70 -4.23 17.67 -11.54
CA VAL A 70 -3.61 17.63 -12.87
C VAL A 70 -3.93 18.93 -13.61
N ASP A 71 -5.16 19.42 -13.46
CA ASP A 71 -5.58 20.65 -14.10
C ASP A 71 -4.90 21.87 -13.48
N GLN A 72 -4.76 21.87 -12.16
CA GLN A 72 -4.03 22.94 -11.48
C GLN A 72 -2.57 22.98 -11.88
N TYR A 73 -1.96 21.81 -12.04
CA TYR A 73 -0.57 21.75 -12.51
C TYR A 73 -0.45 22.24 -13.95
N LYS A 74 -1.36 21.80 -14.81
CA LYS A 74 -1.32 22.15 -16.22
C LYS A 74 -1.45 23.65 -16.43
N ALA A 75 -2.11 24.31 -15.49
CA ALA A 75 -2.46 25.72 -15.61
C ALA A 75 -1.25 26.64 -15.69
N VAL A 76 -0.14 26.25 -15.06
CA VAL A 76 1.02 27.14 -14.99
C VAL A 76 1.86 27.11 -16.27
N GLY A 77 1.53 26.21 -17.19
CA GLY A 77 2.17 26.18 -18.49
C GLY A 77 3.66 25.91 -18.52
N ALA A 78 4.10 24.93 -17.73
CA ALA A 78 5.51 24.54 -17.71
C ALA A 78 5.99 24.01 -19.06
N GLU A 79 7.20 24.38 -19.44
CA GLU A 79 7.84 23.83 -20.64
C GLU A 79 8.75 22.67 -20.26
N LEU A 80 9.07 22.58 -18.96
CA LEU A 80 9.91 21.52 -18.41
C LEU A 80 9.60 21.29 -16.95
N ASN A 81 9.45 20.02 -16.55
CA ASN A 81 9.36 19.69 -15.14
C ASN A 81 10.73 19.32 -14.59
N VAL A 82 11.04 19.84 -13.41
CA VAL A 82 12.28 19.53 -12.70
C VAL A 82 11.91 18.91 -11.35
N LEU A 83 12.42 17.70 -11.08
CA LEU A 83 12.04 16.97 -9.87
C LEU A 83 13.22 16.76 -8.92
N PRO A 84 13.51 17.75 -8.07
CA PRO A 84 14.56 17.62 -7.05
C PRO A 84 14.02 17.03 -5.75
N PHE A 85 14.38 15.77 -5.49
CA PHE A 85 13.85 15.01 -4.36
C PHE A 85 12.33 15.11 -4.26
N CYS A 86 11.68 14.51 -5.25
CA CYS A 86 10.24 14.33 -5.23
C CYS A 86 9.95 12.96 -4.63
N SER A 87 9.15 12.92 -3.58
CA SER A 87 8.94 11.70 -2.82
C SER A 87 7.82 10.82 -3.34
N GLN A 88 7.16 11.23 -4.41
CA GLN A 88 6.03 10.46 -4.94
C GLN A 88 6.13 10.19 -6.43
N PHE A 89 5.55 9.08 -6.87
CA PHE A 89 5.42 8.80 -8.30
C PHE A 89 4.48 9.83 -8.90
N ILE A 90 4.90 10.46 -9.99
CA ILE A 90 4.10 11.48 -10.64
C ILE A 90 3.44 10.88 -11.87
N PRO A 91 2.10 11.04 -11.99
CA PRO A 91 1.37 10.47 -13.14
C PRO A 91 1.91 10.97 -14.47
N MET A 92 1.86 10.12 -15.50
CA MET A 92 2.43 10.47 -16.80
C MET A 92 1.71 11.66 -17.43
N GLU A 93 0.44 11.86 -17.08
CA GLU A 93 -0.31 13.04 -17.49
C GLU A 93 0.46 14.31 -17.16
N VAL A 94 1.15 14.29 -16.01
CA VAL A 94 1.94 15.43 -15.57
C VAL A 94 3.35 15.39 -16.16
N ILE A 95 3.98 14.22 -16.06
CA ILE A 95 5.32 14.00 -16.61
C ILE A 95 5.42 14.37 -18.10
N ASP A 96 4.45 13.94 -18.90
CA ASP A 96 4.50 14.14 -20.35
C ASP A 96 3.88 15.46 -20.81
N HIS A 97 3.28 16.22 -19.89
CA HIS A 97 2.62 17.45 -20.29
C HIS A 97 3.54 18.53 -20.88
N PRO A 98 4.69 18.82 -20.24
CA PRO A 98 5.47 19.91 -20.83
C PRO A 98 6.14 19.51 -22.15
N LYS A 99 6.42 20.52 -22.98
CA LYS A 99 7.14 20.34 -24.23
C LYS A 99 8.40 19.50 -24.06
N HIS A 100 9.16 19.78 -23.00
CA HIS A 100 10.42 19.07 -22.76
C HIS A 100 10.32 17.88 -21.81
N GLY A 101 9.11 17.53 -21.39
CA GLY A 101 8.96 16.42 -20.45
C GLY A 101 9.45 16.74 -19.05
N SER A 102 10.06 15.76 -18.38
CA SER A 102 10.47 15.92 -16.99
C SER A 102 11.81 15.25 -16.70
N ILE A 103 12.67 15.93 -15.93
CA ILE A 103 13.91 15.32 -15.46
C ILE A 103 13.92 15.16 -13.95
N ILE A 104 14.57 14.08 -13.48
CA ILE A 104 14.59 13.75 -12.06
C ILE A 104 16.03 13.62 -11.54
N TYR A 105 16.28 14.13 -10.33
CA TYR A 105 17.55 13.90 -9.65
C TYR A 105 17.51 12.57 -8.90
N HIS A 106 18.55 11.77 -9.03
CA HIS A 106 18.66 10.52 -8.28
C HIS A 106 20.07 10.36 -7.73
N PRO A 107 20.20 10.26 -6.40
CA PRO A 107 21.53 10.21 -5.80
C PRO A 107 22.17 8.82 -5.83
N SER A 108 22.23 8.19 -7.01
CA SER A 108 23.02 6.98 -7.17
C SER A 108 23.45 6.89 -8.63
N LEU A 109 24.36 5.96 -8.92
CA LEU A 109 24.78 5.69 -10.28
C LEU A 109 23.81 4.72 -10.95
N LEU A 110 22.69 5.23 -11.44
CA LEU A 110 21.71 4.42 -12.17
C LEU A 110 22.38 3.64 -13.31
N PRO A 111 21.94 2.39 -13.53
CA PRO A 111 20.75 1.71 -12.99
C PRO A 111 20.91 1.10 -11.60
N ARG A 112 22.06 1.31 -10.96
CA ARG A 112 22.26 0.74 -9.64
C ARG A 112 21.55 1.59 -8.57
N HIS A 113 20.94 0.91 -7.61
CA HIS A 113 20.26 1.56 -6.49
C HIS A 113 19.13 2.47 -6.95
N ARG A 114 18.27 1.96 -7.82
CA ARG A 114 16.94 2.53 -7.99
C ARG A 114 16.24 2.45 -6.63
N GLY A 115 15.35 3.39 -6.35
CA GLY A 115 14.65 3.40 -5.07
C GLY A 115 14.80 4.71 -4.31
N ALA A 116 14.10 4.82 -3.19
CA ALA A 116 14.00 6.10 -2.48
C ALA A 116 15.09 6.32 -1.43
N SER A 117 15.89 5.29 -1.17
CA SER A 117 16.98 5.39 -0.20
C SER A 117 18.30 4.97 -0.83
N ALA A 118 18.58 5.52 -2.01
CA ALA A 118 19.75 5.10 -2.79
C ALA A 118 21.07 5.38 -2.09
N ILE A 119 21.12 6.48 -1.34
CA ILE A 119 22.35 6.84 -0.62
C ILE A 119 22.64 5.83 0.49
N ASN A 120 21.59 5.47 1.24
CA ASN A 120 21.74 4.47 2.29
C ASN A 120 22.31 3.18 1.74
N TRP A 121 21.73 2.68 0.65
CA TRP A 121 22.12 1.39 0.10
C TRP A 121 23.47 1.45 -0.60
N THR A 122 23.85 2.62 -1.08
CA THR A 122 25.19 2.82 -1.60
C THR A 122 26.19 2.43 -0.51
N LEU A 123 25.93 2.90 0.72
CA LEU A 123 26.84 2.65 1.84
C LEU A 123 26.64 1.29 2.51
N ILE A 124 25.40 0.83 2.60
CA ILE A 124 25.11 -0.48 3.19
C ILE A 124 25.84 -1.60 2.44
N HIS A 125 25.88 -1.47 1.12
CA HIS A 125 26.49 -2.49 0.27
C HIS A 125 28.00 -2.36 0.22
N GLY A 126 28.52 -1.26 0.75
CA GLY A 126 29.96 -1.03 0.76
C GLY A 126 30.52 -0.63 -0.59
N ASP A 127 29.70 0.01 -1.42
CA ASP A 127 30.13 0.52 -2.72
C ASP A 127 31.36 1.43 -2.61
N LYS A 128 32.31 1.28 -3.52
CA LYS A 128 33.49 2.13 -3.53
C LYS A 128 33.24 3.41 -4.31
N LYS A 129 32.38 3.34 -5.32
CA LYS A 129 31.99 4.52 -6.08
C LYS A 129 30.53 4.86 -5.81
N GLY A 130 30.24 6.15 -5.69
CA GLY A 130 28.86 6.61 -5.61
C GLY A 130 28.69 7.75 -6.59
N GLY A 131 27.56 8.46 -6.51
CA GLY A 131 27.34 9.58 -7.40
C GLY A 131 25.87 9.88 -7.57
N PHE A 132 25.54 10.73 -8.54
CA PHE A 132 24.13 11.01 -8.81
C PHE A 132 23.83 10.92 -10.30
N THR A 133 22.55 10.84 -10.62
CA THR A 133 22.11 10.75 -12.00
C THR A 133 21.00 11.77 -12.24
N VAL A 134 21.03 12.42 -13.40
CA VAL A 134 19.84 13.15 -13.86
C VAL A 134 19.23 12.33 -14.98
N PHE A 135 17.98 11.92 -14.84
CA PHE A 135 17.36 11.08 -15.87
C PHE A 135 15.98 11.59 -16.26
N TRP A 136 15.50 11.18 -17.44
CA TRP A 136 14.16 11.54 -17.91
C TRP A 136 13.11 10.63 -17.28
N ALA A 137 12.11 11.22 -16.62
CA ALA A 137 11.02 10.44 -16.03
C ALA A 137 10.26 9.64 -17.09
N ASP A 138 10.06 8.34 -16.83
CA ASP A 138 9.10 7.56 -17.62
C ASP A 138 8.11 6.86 -16.68
N ASP A 139 7.33 5.92 -17.22
CA ASP A 139 6.21 5.33 -16.47
C ASP A 139 6.62 4.35 -15.35
N GLY A 140 7.89 3.96 -15.33
CA GLY A 140 8.40 3.10 -14.27
C GLY A 140 8.99 3.91 -13.14
N LEU A 141 9.66 3.24 -12.20
CA LEU A 141 10.19 3.92 -11.02
C LEU A 141 11.72 3.97 -11.05
N ASP A 142 12.26 5.15 -11.34
CA ASP A 142 13.70 5.36 -11.51
C ASP A 142 14.28 4.56 -12.68
N THR A 143 13.48 4.36 -13.72
CA THR A 143 13.87 3.51 -14.85
C THR A 143 14.16 4.31 -16.13
N GLY A 144 13.89 5.61 -16.11
CA GLY A 144 13.95 6.42 -17.32
C GLY A 144 15.35 6.65 -17.85
N PRO A 145 15.46 7.07 -19.12
CA PRO A 145 16.79 7.21 -19.74
C PRO A 145 17.65 8.30 -19.08
N ILE A 146 18.95 8.06 -19.03
CA ILE A 146 19.92 8.96 -18.39
C ILE A 146 20.20 10.21 -19.24
N LEU A 147 20.20 11.38 -18.61
CA LEU A 147 20.64 12.62 -19.26
C LEU A 147 22.13 12.84 -18.97
N LEU A 148 22.49 12.87 -17.68
CA LEU A 148 23.90 12.92 -17.30
C LEU A 148 24.13 12.19 -15.98
N GLN A 149 25.38 11.84 -15.72
CA GLN A 149 25.74 11.13 -14.50
C GLN A 149 27.10 11.65 -14.00
N ARG A 150 27.26 11.72 -12.69
CA ARG A 150 28.51 12.20 -12.10
C ARG A 150 28.93 11.28 -10.94
N GLU A 151 30.21 10.91 -10.91
CA GLU A 151 30.70 9.99 -9.88
C GLU A 151 31.47 10.68 -8.76
N CYS A 152 31.55 10.00 -7.63
CA CYS A 152 32.46 10.41 -6.55
C CYS A 152 32.96 9.17 -5.83
N ASP A 153 34.07 9.32 -5.11
CA ASP A 153 34.56 8.23 -4.29
C ASP A 153 33.74 8.13 -3.01
N VAL A 154 33.50 6.90 -2.56
CA VAL A 154 32.91 6.67 -1.25
C VAL A 154 34.03 6.48 -0.22
N GLU A 155 34.08 7.32 0.79
CA GLU A 155 35.10 7.18 1.84
C GLU A 155 34.70 6.04 2.77
N PRO A 156 35.69 5.31 3.31
CA PRO A 156 35.42 4.15 4.17
C PRO A 156 34.54 4.44 5.39
N ASN A 157 34.60 5.67 5.92
CA ASN A 157 33.79 6.03 7.08
C ASN A 157 32.71 7.08 6.76
N ASP A 158 32.47 7.30 5.47
CA ASP A 158 31.32 8.07 5.02
C ASP A 158 30.02 7.55 5.65
N ASN A 159 29.20 8.45 6.19
CA ASN A 159 27.82 8.08 6.48
C ASN A 159 26.93 8.80 5.46
N VAL A 160 25.61 8.61 5.56
CA VAL A 160 24.69 9.23 4.60
C VAL A 160 24.90 10.73 4.57
N ASN A 161 25.05 11.32 5.74
CA ASN A 161 25.18 12.77 5.85
C ASN A 161 26.47 13.33 5.23
N SER A 162 27.59 12.65 5.42
CA SER A 162 28.86 13.19 4.94
C SER A 162 28.96 13.14 3.40
N ILE A 163 28.53 12.05 2.78
CA ILE A 163 28.67 11.98 1.33
C ILE A 163 27.63 12.87 0.65
N TYR A 164 26.49 13.07 1.30
CA TYR A 164 25.46 13.98 0.79
C TYR A 164 25.95 15.41 0.81
N LYS A 165 26.45 15.84 1.96
CA LYS A 165 26.92 17.22 2.12
C LYS A 165 28.17 17.50 1.25
N ARG A 166 29.10 16.56 1.23
CA ARG A 166 30.35 16.76 0.48
C ARG A 166 30.15 16.78 -1.03
N PHE A 167 29.35 15.86 -1.55
CA PHE A 167 29.23 15.71 -3.00
C PHE A 167 27.80 15.75 -3.56
N LEU A 168 26.95 14.83 -3.10
CA LEU A 168 25.67 14.58 -3.74
C LEU A 168 24.75 15.82 -3.76
N PHE A 169 24.78 16.62 -2.70
CA PHE A 169 23.99 17.85 -2.65
C PHE A 169 24.62 18.93 -3.55
N PRO A 170 25.86 19.37 -3.26
CA PRO A 170 26.32 20.51 -4.07
C PRO A 170 26.58 20.19 -5.54
N GLU A 171 27.08 19.00 -5.87
CA GLU A 171 27.32 18.68 -7.26
C GLU A 171 26.02 18.29 -7.95
N GLY A 172 25.09 17.72 -7.18
CA GLY A 172 23.75 17.45 -7.67
C GLY A 172 23.02 18.71 -8.12
N VAL A 173 23.15 19.79 -7.35
CA VAL A 173 22.54 21.07 -7.73
C VAL A 173 23.14 21.55 -9.06
N LYS A 174 24.45 21.46 -9.18
CA LYS A 174 25.12 21.84 -10.43
C LYS A 174 24.66 20.94 -11.58
N GLY A 175 24.52 19.65 -11.31
CA GLY A 175 24.12 18.69 -12.31
C GLY A 175 22.75 19.01 -12.88
N MET A 176 21.83 19.40 -12.00
CA MET A 176 20.49 19.76 -12.43
C MET A 176 20.50 21.02 -13.29
N VAL A 177 21.32 21.98 -12.89
CA VAL A 177 21.45 23.22 -13.65
C VAL A 177 22.02 22.92 -15.04
N GLU A 178 23.11 22.16 -15.07
CA GLU A 178 23.73 21.80 -16.35
C GLU A 178 22.75 21.04 -17.25
N ALA A 179 21.95 20.17 -16.66
CA ALA A 179 20.96 19.42 -17.42
C ALA A 179 19.94 20.36 -18.07
N VAL A 180 19.44 21.32 -17.31
CA VAL A 180 18.45 22.25 -17.84
C VAL A 180 19.07 23.06 -18.98
N ARG A 181 20.35 23.40 -18.82
CA ARG A 181 21.08 24.15 -19.83
C ARG A 181 21.22 23.34 -21.11
N LEU A 182 21.51 22.05 -20.96
CA LEU A 182 21.62 21.16 -22.11
C LEU A 182 20.28 21.02 -22.83
N ILE A 183 19.18 21.00 -22.06
CA ILE A 183 17.84 20.91 -22.63
C ILE A 183 17.51 22.18 -23.39
N ALA A 184 17.90 23.33 -22.84
CA ALA A 184 17.60 24.62 -23.47
C ALA A 184 18.25 24.75 -24.85
N THR A 185 19.39 24.08 -25.03
CA THR A 185 20.10 24.11 -26.32
C THR A 185 19.78 22.90 -27.19
N GLY A 186 18.92 22.01 -26.70
CA GLY A 186 18.51 20.85 -27.49
C GLY A 186 19.56 19.75 -27.57
N LYS A 187 20.56 19.82 -26.69
CA LYS A 187 21.68 18.89 -26.74
C LYS A 187 21.57 17.75 -25.73
N ALA A 188 20.66 17.87 -24.78
CA ALA A 188 20.46 16.85 -23.77
C ALA A 188 20.16 15.49 -24.40
N PRO A 189 20.91 14.45 -24.01
CA PRO A 189 20.73 13.12 -24.59
C PRO A 189 19.74 12.28 -23.80
N ARG A 190 19.52 11.06 -24.27
CA ARG A 190 18.63 10.09 -23.64
C ARG A 190 19.24 8.71 -23.70
N ILE A 191 20.09 8.38 -22.74
CA ILE A 191 20.74 7.08 -22.77
C ILE A 191 19.90 6.08 -21.99
N LYS A 192 19.35 5.09 -22.71
CA LYS A 192 18.57 4.05 -22.05
C LYS A 192 19.43 3.39 -20.98
N GLN A 193 18.89 3.28 -19.76
CA GLN A 193 19.60 2.56 -18.70
C GLN A 193 19.91 1.15 -19.19
N PRO A 194 21.18 0.72 -19.06
CA PRO A 194 21.57 -0.64 -19.44
C PRO A 194 20.88 -1.66 -18.54
N GLU A 195 20.67 -2.87 -19.02
CA GLU A 195 20.11 -3.92 -18.18
C GLU A 195 21.09 -4.29 -17.07
N GLU A 196 22.31 -4.60 -17.47
CA GLU A 196 23.36 -5.06 -16.55
C GLU A 196 23.64 -4.03 -15.45
N GLY A 197 23.57 -4.49 -14.20
CA GLY A 197 23.88 -3.64 -13.06
C GLY A 197 22.66 -2.98 -12.43
N ALA A 198 21.49 -3.19 -13.02
CA ALA A 198 20.27 -2.63 -12.45
C ALA A 198 19.95 -3.29 -11.12
N THR A 199 19.83 -2.48 -10.06
CA THR A 199 19.31 -2.99 -8.79
C THR A 199 18.23 -2.07 -8.27
N TYR A 200 17.41 -2.59 -7.37
CA TYR A 200 16.39 -1.79 -6.71
C TYR A 200 16.36 -2.21 -5.25
N GLU A 201 16.41 -1.23 -4.33
CA GLU A 201 16.24 -1.56 -2.92
C GLU A 201 15.08 -0.80 -2.31
N CYS A 202 14.42 -1.42 -1.33
CA CYS A 202 13.30 -0.82 -0.62
C CYS A 202 13.74 0.41 0.16
N ILE A 203 12.79 1.27 0.47
CA ILE A 203 13.05 2.45 1.27
C ILE A 203 13.48 2.03 2.68
N GLN A 204 14.45 2.75 3.25
CA GLN A 204 14.90 2.47 4.61
C GLN A 204 14.07 3.23 5.63
N LYS A 205 13.53 2.50 6.61
CA LYS A 205 12.84 3.11 7.74
C LYS A 205 13.35 2.53 9.04
N LYS A 206 12.89 3.07 10.16
CA LYS A 206 13.33 2.60 11.47
C LYS A 206 13.10 1.09 11.62
N GLU A 207 11.94 0.62 11.17
CA GLU A 207 11.57 -0.79 11.28
C GLU A 207 12.60 -1.75 10.69
N ASN A 208 13.09 -1.44 9.48
CA ASN A 208 14.01 -2.34 8.79
C ASN A 208 15.47 -1.88 8.84
N SER A 209 15.81 -1.09 9.85
CA SER A 209 17.21 -0.69 10.06
C SER A 209 17.82 -1.38 11.28
N LYS A 210 17.15 -2.41 11.78
CA LYS A 210 17.67 -3.17 12.91
C LYS A 210 18.96 -3.88 12.51
N ILE A 211 19.91 -3.93 13.43
CA ILE A 211 21.23 -4.48 13.18
C ILE A 211 21.27 -6.02 13.26
N ASP A 212 21.99 -6.64 12.33
CA ASP A 212 22.29 -8.07 12.40
C ASP A 212 23.72 -8.25 12.91
N TRP A 213 23.88 -8.82 14.10
CA TRP A 213 25.21 -8.88 14.72
C TRP A 213 26.08 -10.01 14.15
N ASN A 214 25.48 -10.89 13.37
CA ASN A 214 26.20 -12.03 12.79
C ASN A 214 26.80 -11.73 11.42
N GLN A 215 27.62 -10.68 11.36
CA GLN A 215 28.38 -10.32 10.16
C GLN A 215 29.81 -9.93 10.57
N PRO A 216 30.73 -9.83 9.60
CA PRO A 216 32.04 -9.25 9.93
C PRO A 216 31.91 -7.79 10.33
N ALA A 217 32.86 -7.25 11.09
CA ALA A 217 32.79 -5.87 11.55
C ALA A 217 32.52 -4.89 10.41
N GLU A 218 33.18 -5.09 9.28
CA GLU A 218 33.03 -4.19 8.13
C GLU A 218 31.58 -4.08 7.64
N ALA A 219 30.87 -5.20 7.61
CA ALA A 219 29.47 -5.19 7.15
C ALA A 219 28.55 -4.44 8.13
N ILE A 220 28.78 -4.64 9.42
CA ILE A 220 28.03 -3.95 10.47
C ILE A 220 28.31 -2.45 10.38
N HIS A 221 29.59 -2.11 10.19
CA HIS A 221 30.02 -0.74 9.95
C HIS A 221 29.24 -0.10 8.82
N ASN A 222 29.11 -0.82 7.72
CA ASN A 222 28.39 -0.30 6.55
C ASN A 222 26.90 -0.11 6.86
N TRP A 223 26.33 -1.04 7.59
CA TRP A 223 24.92 -0.94 7.98
C TRP A 223 24.64 0.30 8.83
N ILE A 224 25.50 0.51 9.83
CA ILE A 224 25.33 1.65 10.73
C ILE A 224 25.53 3.00 10.02
N ARG A 225 26.59 3.11 9.23
CA ARG A 225 26.87 4.37 8.53
C ARG A 225 25.90 4.57 7.38
N GLY A 226 25.40 3.47 6.82
CA GLY A 226 24.40 3.52 5.76
C GLY A 226 23.02 3.96 6.25
N ASN A 227 22.85 4.05 7.57
CA ASN A 227 21.58 4.52 8.11
C ASN A 227 21.79 5.69 9.08
N ASP A 228 22.95 6.32 8.98
CA ASP A 228 23.35 7.42 9.85
C ASP A 228 23.39 8.69 9.00
N ARG A 229 22.57 9.70 9.30
CA ARG A 229 21.78 9.81 10.52
C ARG A 229 20.36 9.22 10.46
N VAL A 230 19.77 9.17 9.28
CA VAL A 230 18.40 8.67 9.15
C VAL A 230 18.33 7.39 8.33
N PRO A 231 17.55 6.40 8.79
CA PRO A 231 16.69 6.49 9.99
C PRO A 231 17.37 6.06 11.29
N GLY A 232 18.65 5.72 11.24
CA GLY A 232 19.35 5.29 12.44
C GLY A 232 19.31 3.79 12.68
N ALA A 233 20.44 3.14 12.52
CA ALA A 233 20.55 1.71 12.80
C ALA A 233 20.41 1.48 14.30
N TRP A 234 19.75 0.40 14.69
CA TRP A 234 19.48 0.17 16.10
C TRP A 234 19.51 -1.30 16.47
N ALA A 235 19.63 -1.56 17.77
CA ALA A 235 19.61 -2.91 18.32
C ALA A 235 19.11 -2.83 19.74
N GLU A 236 18.66 -3.97 20.29
CA GLU A 236 18.22 -4.02 21.67
C GLU A 236 19.43 -4.11 22.60
N ILE A 237 19.46 -3.26 23.63
CA ILE A 237 20.40 -3.38 24.75
C ILE A 237 19.66 -3.14 26.06
N ASP A 238 19.71 -4.12 26.97
CA ASP A 238 19.05 -4.02 28.27
C ASP A 238 17.56 -3.74 28.14
N GLY A 239 16.92 -4.36 27.16
CA GLY A 239 15.49 -4.17 26.93
C GLY A 239 15.16 -2.78 26.40
N LYS A 240 16.19 -2.06 25.95
CA LYS A 240 16.01 -0.74 25.35
C LYS A 240 16.42 -0.80 23.89
N SER A 241 15.69 -0.08 23.04
CA SER A 241 16.10 0.09 21.65
C SER A 241 17.11 1.22 21.53
N VAL A 242 18.36 0.86 21.27
CA VAL A 242 19.46 1.82 21.22
C VAL A 242 19.91 2.03 19.77
N SER A 243 20.00 3.29 19.33
CA SER A 243 20.47 3.60 17.98
C SER A 243 21.97 3.97 17.97
N PHE A 244 22.64 3.69 16.86
CA PHE A 244 24.09 3.82 16.75
C PHE A 244 24.49 4.85 15.70
N TYR A 245 25.39 5.76 16.04
CA TYR A 245 25.84 6.79 15.10
C TYR A 245 27.34 7.03 15.19
N GLY A 246 27.96 7.32 14.05
CA GLY A 246 29.37 7.67 14.02
C GLY A 246 30.31 6.48 14.14
N SER A 247 30.11 5.49 13.27
CA SER A 247 30.96 4.31 13.23
C SER A 247 32.24 4.53 12.42
N THR A 248 33.35 4.08 12.98
CA THR A 248 34.64 4.01 12.27
C THR A 248 35.25 2.62 12.49
N LEU A 249 35.84 2.04 11.45
CA LEU A 249 36.53 0.76 11.60
C LEU A 249 37.77 0.94 12.46
N LEU A 250 38.13 -0.09 13.22
CA LEU A 250 39.19 0.04 14.22
C LEU A 250 40.11 -1.18 14.26
N GLU A 251 41.42 -0.93 14.24
CA GLU A 251 42.42 -1.97 14.40
C GLU A 251 42.90 -2.04 15.86
N ASN A 252 43.26 -0.87 16.39
CA ASN A 252 43.67 -0.72 17.78
C ASN A 252 42.92 0.50 18.38
N ASP A 253 42.75 0.60 19.70
CA ASP A 253 43.35 -0.28 20.72
C ASP A 253 42.71 -1.67 20.84
N HIS A 254 43.56 -2.68 20.97
CA HIS A 254 43.09 -4.06 21.15
C HIS A 254 43.75 -4.71 22.37
N PHE A 255 42.93 -5.28 23.27
CA PHE A 255 41.47 -5.26 23.17
C PHE A 255 40.76 -3.89 23.39
N SER A 256 41.11 -3.10 24.41
CA SER A 256 42.20 -3.33 25.36
C SER A 256 41.73 -3.85 26.71
N SER A 257 40.43 -4.13 26.84
CA SER A 257 39.80 -4.49 28.12
C SER A 257 40.06 -3.41 29.19
N ASN A 258 40.49 -2.24 28.74
CA ASN A 258 40.60 -1.07 29.60
C ASN A 258 39.22 -0.41 29.66
N GLY A 259 38.40 -0.74 28.67
CA GLY A 259 37.02 -0.30 28.62
C GLY A 259 36.11 -1.19 29.44
N GLN A 260 34.86 -0.77 29.57
CA GLN A 260 33.90 -1.49 30.40
C GLN A 260 33.02 -2.41 29.54
N PRO A 261 33.02 -3.72 29.84
CA PRO A 261 32.31 -4.73 29.05
C PRO A 261 30.79 -4.52 29.07
N LEU A 262 30.16 -4.66 27.91
CA LEU A 262 28.71 -4.53 27.81
C LEU A 262 28.12 -5.68 27.00
N GLU A 263 27.27 -6.48 27.63
CA GLU A 263 26.59 -7.57 26.94
C GLU A 263 25.55 -7.03 25.96
N ILE A 264 25.56 -7.54 24.74
CA ILE A 264 24.57 -7.13 23.76
C ILE A 264 23.86 -8.34 23.19
N PRO A 265 22.53 -8.38 23.36
CA PRO A 265 21.67 -9.46 22.87
C PRO A 265 21.97 -9.85 21.43
N GLY A 266 22.64 -10.99 21.25
CA GLY A 266 22.90 -11.52 19.91
C GLY A 266 24.27 -11.30 19.31
N ALA A 267 25.09 -10.46 19.95
CA ALA A 267 26.43 -10.18 19.42
C ALA A 267 27.38 -11.37 19.58
N SER A 268 28.44 -11.40 18.77
CA SER A 268 29.40 -12.49 18.82
C SER A 268 30.16 -12.52 20.16
N ARG A 269 30.40 -11.34 20.71
CA ARG A 269 30.97 -11.20 22.06
C ARG A 269 30.63 -9.82 22.63
N ALA A 270 30.92 -9.62 23.92
CA ALA A 270 30.59 -8.38 24.61
C ALA A 270 31.24 -7.17 23.95
N ALA A 271 30.47 -6.08 23.86
CA ALA A 271 31.04 -4.81 23.41
C ALA A 271 31.92 -4.22 24.52
N LEU A 272 32.52 -3.06 24.25
CA LEU A 272 33.33 -2.40 25.27
C LEU A 272 33.02 -0.89 25.30
N VAL A 273 32.64 -0.38 26.46
CA VAL A 273 32.47 1.06 26.62
C VAL A 273 33.83 1.69 26.92
N THR A 274 34.35 2.46 25.98
CA THR A 274 35.69 3.03 26.13
C THR A 274 35.67 4.54 26.13
N LYS A 275 36.83 5.13 26.40
CA LYS A 275 37.05 6.57 26.37
C LYS A 275 36.52 7.24 25.09
N ASN A 276 36.71 6.57 23.96
CA ASN A 276 36.43 7.18 22.67
C ASN A 276 35.09 6.75 22.07
N GLY A 277 34.35 5.91 22.80
CA GLY A 277 33.05 5.45 22.36
C GLY A 277 32.80 3.98 22.57
N LEU A 278 31.70 3.48 21.99
CA LEU A 278 31.35 2.07 22.13
C LEU A 278 32.06 1.21 21.09
N VAL A 279 32.96 0.34 21.55
CA VAL A 279 33.63 -0.62 20.67
C VAL A 279 32.75 -1.85 20.47
N LEU A 280 32.43 -2.17 19.22
CA LEU A 280 31.62 -3.35 18.90
C LEU A 280 32.44 -4.38 18.13
N PHE A 281 32.08 -5.65 18.25
CA PHE A 281 32.78 -6.71 17.54
C PHE A 281 31.90 -7.36 16.47
N GLY A 282 32.49 -7.64 15.31
CA GLY A 282 31.84 -8.46 14.30
C GLY A 282 32.22 -9.91 14.55
N ASN A 283 31.66 -10.85 13.80
CA ASN A 283 31.96 -12.26 14.07
C ASN A 283 33.35 -12.65 13.57
N ASP A 284 34.06 -11.71 12.95
CA ASP A 284 35.43 -11.96 12.53
C ASP A 284 36.40 -11.51 13.61
N GLY A 285 35.85 -11.03 14.73
CA GLY A 285 36.65 -10.60 15.85
C GLY A 285 37.25 -9.21 15.68
N LYS A 286 36.93 -8.57 14.56
CA LYS A 286 37.43 -7.22 14.30
C LYS A 286 36.47 -6.17 14.86
N MET A 287 36.94 -4.93 14.98
CA MET A 287 36.22 -3.92 15.74
C MET A 287 35.73 -2.72 14.92
N LEU A 288 34.62 -2.15 15.36
CA LEU A 288 34.22 -0.83 14.92
C LEU A 288 33.87 0.02 16.15
N LEU A 289 34.17 1.31 16.07
CA LEU A 289 33.94 2.21 17.18
C LEU A 289 32.74 3.11 16.90
N VAL A 290 31.73 3.04 17.77
CA VAL A 290 30.54 3.88 17.62
C VAL A 290 30.63 5.06 18.58
N LYS A 291 30.66 6.27 18.04
CA LYS A 291 30.88 7.46 18.85
C LYS A 291 29.64 7.91 19.62
N ASN A 292 28.47 7.76 19.02
CA ASN A 292 27.25 8.28 19.63
C ASN A 292 26.16 7.24 19.71
N LEU A 293 25.41 7.26 20.81
CA LEU A 293 24.28 6.37 21.01
C LEU A 293 23.02 7.20 21.24
N GLN A 294 21.85 6.59 21.04
CA GLN A 294 20.60 7.28 21.30
C GLN A 294 19.51 6.32 21.75
N PHE A 295 18.86 6.65 22.86
CA PHE A 295 17.73 5.86 23.34
C PHE A 295 16.44 6.45 22.81
N GLU A 296 15.38 5.63 22.78
CA GLU A 296 14.04 6.11 22.48
C GLU A 296 13.73 7.30 23.38
N ASP A 297 13.25 8.39 22.77
CA ASP A 297 12.99 9.63 23.50
C ASP A 297 14.20 10.09 24.30
N GLY A 298 15.22 10.56 23.60
CA GLY A 298 16.42 11.05 24.25
C GLY A 298 17.32 11.71 23.24
N LYS A 299 18.19 12.61 23.70
CA LYS A 299 19.19 13.20 22.84
C LYS A 299 20.33 12.21 22.71
N MET A 300 21.19 12.40 21.71
CA MET A 300 22.37 11.55 21.57
C MET A 300 23.28 11.69 22.80
N ILE A 301 23.89 10.59 23.21
CA ILE A 301 24.92 10.62 24.23
C ILE A 301 26.15 9.92 23.68
N PRO A 302 27.35 10.34 24.12
CA PRO A 302 28.56 9.65 23.68
C PRO A 302 28.55 8.19 24.11
N GLY A 303 29.08 7.30 23.28
CA GLY A 303 29.16 5.89 23.64
C GLY A 303 29.96 5.68 24.90
N SER A 304 30.88 6.60 25.19
CA SER A 304 31.71 6.51 26.38
C SER A 304 30.89 6.66 27.65
N GLN A 305 29.71 7.27 27.50
CA GLN A 305 28.90 7.63 28.65
C GLN A 305 27.76 6.65 28.92
N TYR A 306 27.76 5.50 28.23
CA TYR A 306 26.65 4.55 28.31
C TYR A 306 26.28 4.19 29.75
N PHE A 307 27.27 3.90 30.58
CA PHE A 307 27.00 3.49 31.96
C PHE A 307 26.72 4.67 32.89
N LYS A 308 27.26 5.85 32.55
CA LYS A 308 27.18 7.01 33.43
C LYS A 308 25.80 7.66 33.43
N MET B 1 -40.81 -19.17 15.04
CA MET B 1 -41.38 -17.82 14.95
C MET B 1 -41.65 -17.43 13.49
N LYS B 2 -42.42 -16.36 13.30
CA LYS B 2 -42.68 -15.82 11.97
C LYS B 2 -41.51 -14.97 11.48
N ILE B 3 -40.95 -15.33 10.34
CA ILE B 3 -39.75 -14.66 9.84
C ILE B 3 -39.94 -14.14 8.41
N ALA B 4 -39.52 -12.90 8.18
CA ALA B 4 -39.39 -12.38 6.83
C ALA B 4 -37.91 -12.37 6.45
N VAL B 5 -37.58 -12.96 5.32
CA VAL B 5 -36.19 -13.00 4.84
C VAL B 5 -36.01 -11.90 3.80
N ILE B 6 -35.15 -10.93 4.08
CA ILE B 6 -34.91 -9.83 3.16
C ILE B 6 -33.47 -9.92 2.65
N GLY B 7 -33.31 -10.40 1.41
CA GLY B 7 -31.97 -10.59 0.88
C GLY B 7 -31.97 -11.31 -0.47
N GLN B 8 -30.88 -12.00 -0.78
CA GLN B 8 -30.74 -12.62 -2.09
C GLN B 8 -29.69 -13.72 -2.12
N SER B 9 -29.52 -14.34 -3.29
CA SER B 9 -28.46 -15.31 -3.59
C SER B 9 -28.65 -16.68 -2.96
N LEU B 10 -27.70 -17.56 -3.24
CA LEU B 10 -27.69 -18.90 -2.68
C LEU B 10 -27.57 -18.88 -1.17
N PHE B 11 -26.85 -17.89 -0.63
CA PHE B 11 -26.72 -17.76 0.82
C PHE B 11 -28.09 -17.53 1.45
N GLY B 12 -28.84 -16.58 0.88
CA GLY B 12 -30.19 -16.33 1.35
C GLY B 12 -31.09 -17.54 1.18
N GLN B 13 -30.92 -18.27 0.09
CA GLN B 13 -31.70 -19.47 -0.15
C GLN B 13 -31.43 -20.51 0.93
N GLU B 14 -30.15 -20.69 1.27
CA GLU B 14 -29.79 -21.69 2.28
C GLU B 14 -30.25 -21.31 3.67
N VAL B 15 -30.12 -20.03 4.02
CA VAL B 15 -30.62 -19.54 5.30
C VAL B 15 -32.12 -19.75 5.39
N TYR B 16 -32.83 -19.46 4.30
CA TYR B 16 -34.28 -19.70 4.22
C TYR B 16 -34.61 -21.16 4.54
N LYS B 17 -33.92 -22.09 3.86
CA LYS B 17 -34.21 -23.51 4.01
C LYS B 17 -33.89 -24.02 5.43
N GLU B 18 -32.78 -23.57 5.99
CA GLU B 18 -32.36 -24.02 7.32
C GLU B 18 -33.29 -23.48 8.41
N LEU B 19 -33.72 -22.23 8.27
CA LEU B 19 -34.70 -21.66 9.19
C LEU B 19 -36.00 -22.46 9.12
N LYS B 20 -36.43 -22.76 7.90
CA LYS B 20 -37.65 -23.51 7.65
C LYS B 20 -37.62 -24.89 8.31
N ASN B 21 -36.51 -25.59 8.18
CA ASN B 21 -36.35 -26.91 8.81
C ASN B 21 -36.28 -26.81 10.33
N GLU B 22 -35.93 -25.63 10.84
CA GLU B 22 -35.91 -25.38 12.28
C GLU B 22 -37.31 -25.19 12.82
N GLY B 23 -38.29 -25.08 11.91
CA GLY B 23 -39.68 -24.96 12.32
C GLY B 23 -40.24 -23.56 12.26
N HIS B 24 -39.45 -22.60 11.77
CA HIS B 24 -39.92 -21.23 11.66
C HIS B 24 -40.83 -21.06 10.45
N MET B 25 -41.88 -20.27 10.60
CA MET B 25 -42.78 -19.94 9.50
C MET B 25 -42.23 -18.75 8.74
N ILE B 26 -41.87 -18.97 7.47
CA ILE B 26 -41.43 -17.88 6.61
C ILE B 26 -42.69 -17.22 6.04
N VAL B 27 -42.97 -16.00 6.48
CA VAL B 27 -44.20 -15.31 6.13
C VAL B 27 -44.03 -14.45 4.88
N GLY B 28 -42.78 -14.25 4.48
CA GLY B 28 -42.50 -13.47 3.28
C GLY B 28 -41.02 -13.44 2.90
N VAL B 29 -40.78 -13.44 1.59
CA VAL B 29 -39.42 -13.31 1.05
C VAL B 29 -39.35 -12.05 0.20
N PHE B 30 -38.37 -11.20 0.48
CA PHE B 30 -38.23 -9.92 -0.18
C PHE B 30 -36.85 -9.84 -0.84
N THR B 31 -36.81 -10.06 -2.16
CA THR B 31 -35.54 -10.15 -2.87
C THR B 31 -35.49 -9.19 -4.07
N ILE B 32 -34.51 -9.37 -4.94
CA ILE B 32 -34.29 -8.44 -6.05
C ILE B 32 -35.08 -8.86 -7.30
N PRO B 33 -35.34 -7.89 -8.20
CA PRO B 33 -36.04 -8.20 -9.45
C PRO B 33 -35.30 -9.21 -10.32
N ASP B 34 -36.04 -9.87 -11.22
CA ASP B 34 -35.44 -10.76 -12.21
C ASP B 34 -34.47 -9.99 -13.10
N LYS B 35 -33.41 -10.65 -13.58
CA LYS B 35 -32.45 -10.03 -14.47
C LYS B 35 -32.05 -11.00 -15.58
N ASP B 36 -32.36 -10.63 -16.82
CA ASP B 36 -32.00 -11.42 -18.01
C ASP B 36 -32.64 -12.80 -18.00
N GLY B 37 -33.77 -12.93 -17.33
CA GLY B 37 -34.45 -14.21 -17.23
C GLY B 37 -33.93 -15.05 -16.07
N LYS B 38 -33.09 -14.43 -15.25
CA LYS B 38 -32.58 -15.09 -14.06
C LYS B 38 -33.38 -14.63 -12.84
N VAL B 39 -34.08 -15.58 -12.22
CA VAL B 39 -34.82 -15.32 -11.00
C VAL B 39 -33.90 -15.62 -9.81
N ASP B 40 -33.90 -14.77 -8.80
CA ASP B 40 -33.04 -14.99 -7.64
C ASP B 40 -33.39 -16.30 -6.96
N PRO B 41 -32.37 -17.10 -6.63
CA PRO B 41 -32.49 -18.43 -6.01
C PRO B 41 -33.34 -18.42 -4.75
N LEU B 42 -33.36 -17.30 -4.04
CA LEU B 42 -34.17 -17.17 -2.83
C LEU B 42 -35.65 -17.08 -3.20
N ALA B 43 -35.94 -16.36 -4.29
CA ALA B 43 -37.30 -16.30 -4.78
C ALA B 43 -37.77 -17.66 -5.28
N ILE B 44 -36.92 -18.33 -6.05
CA ILE B 44 -37.23 -19.65 -6.59
C ILE B 44 -37.69 -20.60 -5.49
N GLU B 45 -36.92 -20.68 -4.40
CA GLU B 45 -37.21 -21.61 -3.32
C GLU B 45 -38.54 -21.29 -2.64
N ALA B 46 -38.75 -20.01 -2.35
CA ALA B 46 -39.96 -19.57 -1.66
C ALA B 46 -41.21 -19.84 -2.51
N GLU B 47 -41.12 -19.59 -3.81
CA GLU B 47 -42.23 -19.82 -4.72
C GLU B 47 -42.61 -21.29 -4.77
N LYS B 48 -41.59 -22.16 -4.74
CA LYS B 48 -41.82 -23.61 -4.68
C LYS B 48 -42.67 -23.97 -3.46
N ASP B 49 -42.48 -23.20 -2.38
CA ASP B 49 -43.17 -23.44 -1.12
C ASP B 49 -44.44 -22.62 -0.99
N GLY B 50 -44.74 -21.80 -1.99
CA GLY B 50 -45.91 -20.94 -1.95
C GLY B 50 -45.81 -19.81 -0.92
N VAL B 51 -44.60 -19.50 -0.50
CA VAL B 51 -44.36 -18.36 0.38
C VAL B 51 -44.46 -17.09 -0.47
N PRO B 52 -45.16 -16.06 0.04
CA PRO B 52 -45.26 -14.78 -0.68
C PRO B 52 -43.90 -14.22 -1.09
N VAL B 53 -43.70 -13.95 -2.38
CA VAL B 53 -42.44 -13.42 -2.86
C VAL B 53 -42.60 -11.97 -3.31
N PHE B 54 -41.72 -11.10 -2.81
CA PHE B 54 -41.73 -9.69 -3.20
C PHE B 54 -40.39 -9.29 -3.83
N LYS B 55 -40.45 -8.49 -4.88
CA LYS B 55 -39.24 -8.05 -5.56
C LYS B 55 -39.22 -6.54 -5.74
N PHE B 56 -39.09 -5.81 -4.64
CA PHE B 56 -39.02 -4.36 -4.68
C PHE B 56 -37.69 -3.94 -5.28
N PRO B 57 -37.73 -3.12 -6.34
CA PRO B 57 -36.51 -2.48 -6.86
C PRO B 57 -35.85 -1.61 -5.79
N ARG B 58 -36.66 -0.94 -4.96
CA ARG B 58 -36.13 -0.17 -3.84
C ARG B 58 -37.12 0.06 -2.69
N TRP B 59 -36.59 0.41 -1.52
CA TRP B 59 -37.36 0.58 -0.29
C TRP B 59 -37.55 2.05 0.07
N ARG B 60 -36.66 2.90 -0.44
CA ARG B 60 -36.66 4.31 -0.12
C ARG B 60 -36.50 5.19 -1.35
N LEU B 61 -36.94 6.44 -1.23
CA LEU B 61 -36.72 7.46 -2.25
C LEU B 61 -36.54 8.83 -1.62
N LYS B 62 -35.41 9.47 -1.92
CA LYS B 62 -35.04 10.78 -1.37
C LYS B 62 -34.98 10.76 0.15
N GLY B 63 -34.50 9.64 0.70
CA GLY B 63 -34.35 9.50 2.14
C GLY B 63 -35.66 9.25 2.88
N LYS B 64 -36.67 8.76 2.16
CA LYS B 64 -37.97 8.49 2.78
C LYS B 64 -38.53 7.15 2.31
N ALA B 65 -39.04 6.37 3.26
CA ALA B 65 -39.59 5.05 2.97
C ALA B 65 -40.73 5.13 1.96
N ILE B 66 -40.70 4.24 0.97
CA ILE B 66 -41.81 4.11 0.05
C ILE B 66 -42.99 3.49 0.80
N THR B 67 -43.98 4.31 1.13
CA THR B 67 -45.11 3.91 1.96
C THR B 67 -45.79 2.63 1.47
N GLU B 68 -45.93 2.51 0.16
CA GLU B 68 -46.56 1.34 -0.46
C GLU B 68 -45.82 0.05 -0.15
N VAL B 69 -44.50 0.05 -0.35
CA VAL B 69 -43.70 -1.15 -0.14
C VAL B 69 -43.60 -1.48 1.36
N VAL B 70 -43.69 -0.47 2.22
CA VAL B 70 -43.69 -0.69 3.67
C VAL B 70 -44.97 -1.42 4.08
N ASP B 71 -46.10 -0.93 3.57
CA ASP B 71 -47.40 -1.52 3.87
C ASP B 71 -47.50 -2.98 3.37
N GLN B 72 -47.00 -3.22 2.16
CA GLN B 72 -46.92 -4.58 1.63
C GLN B 72 -46.05 -5.47 2.52
N TYR B 73 -44.96 -4.91 3.03
CA TYR B 73 -44.09 -5.65 3.93
C TYR B 73 -44.80 -5.95 5.24
N LYS B 74 -45.34 -4.92 5.88
CA LYS B 74 -45.95 -5.07 7.21
C LYS B 74 -47.08 -6.08 7.19
N ALA B 75 -47.72 -6.20 6.02
CA ALA B 75 -48.87 -7.07 5.84
C ALA B 75 -48.61 -8.54 6.18
N VAL B 76 -47.37 -9.01 6.05
CA VAL B 76 -47.08 -10.43 6.27
C VAL B 76 -46.84 -10.75 7.75
N GLY B 77 -46.85 -9.73 8.61
CA GLY B 77 -46.81 -9.92 10.05
C GLY B 77 -45.59 -10.65 10.61
N ALA B 78 -44.41 -10.27 10.15
CA ALA B 78 -43.18 -10.90 10.62
C ALA B 78 -42.92 -10.62 12.10
N GLU B 79 -42.28 -11.57 12.77
CA GLU B 79 -41.89 -11.38 14.17
C GLU B 79 -40.38 -11.13 14.24
N LEU B 80 -39.70 -11.39 13.12
CA LEU B 80 -38.27 -11.15 13.00
C LEU B 80 -37.91 -11.01 11.51
N ASN B 81 -37.09 -10.00 11.21
CA ASN B 81 -36.50 -9.88 9.88
C ASN B 81 -35.12 -10.51 9.88
N VAL B 82 -34.83 -11.28 8.83
CA VAL B 82 -33.51 -11.86 8.65
C VAL B 82 -32.96 -11.36 7.32
N LEU B 83 -31.75 -10.82 7.32
CA LEU B 83 -31.19 -10.18 6.13
C LEU B 83 -29.89 -10.82 5.67
N PRO B 84 -30.00 -11.86 4.84
CA PRO B 84 -28.84 -12.47 4.17
C PRO B 84 -28.50 -11.76 2.87
N PHE B 85 -27.37 -11.07 2.83
CA PHE B 85 -26.91 -10.31 1.67
C PHE B 85 -27.96 -9.36 1.09
N CYS B 86 -28.59 -8.60 1.97
CA CYS B 86 -29.46 -7.51 1.56
C CYS B 86 -28.60 -6.37 1.01
N SER B 87 -28.84 -5.96 -0.23
CA SER B 87 -27.96 -5.03 -0.93
C SER B 87 -28.35 -3.58 -0.74
N GLN B 88 -29.37 -3.31 0.07
CA GLN B 88 -29.85 -1.94 0.25
C GLN B 88 -30.08 -1.61 1.72
N PHE B 89 -29.81 -0.36 2.11
CA PHE B 89 -30.20 0.12 3.43
C PHE B 89 -31.70 -0.02 3.57
N ILE B 90 -32.15 -0.67 4.65
CA ILE B 90 -33.58 -0.87 4.87
C ILE B 90 -34.09 0.16 5.88
N PRO B 91 -35.17 0.89 5.53
CA PRO B 91 -35.67 1.93 6.43
C PRO B 91 -36.12 1.37 7.77
N MET B 92 -36.05 2.18 8.83
CA MET B 92 -36.32 1.72 10.18
C MET B 92 -37.78 1.31 10.38
N GLU B 93 -38.69 1.88 9.60
CA GLU B 93 -40.07 1.43 9.57
C GLU B 93 -40.18 -0.08 9.42
N VAL B 94 -39.39 -0.63 8.49
CA VAL B 94 -39.33 -2.06 8.24
C VAL B 94 -38.51 -2.75 9.31
N ILE B 95 -37.33 -2.20 9.58
CA ILE B 95 -36.38 -2.79 10.52
C ILE B 95 -36.99 -3.00 11.91
N ASP B 96 -37.68 -1.99 12.43
CA ASP B 96 -38.21 -2.05 13.79
C ASP B 96 -39.66 -2.55 13.87
N HIS B 97 -40.27 -2.87 12.73
CA HIS B 97 -41.65 -3.36 12.74
C HIS B 97 -41.81 -4.67 13.54
N PRO B 98 -40.98 -5.70 13.28
CA PRO B 98 -41.21 -6.94 14.03
C PRO B 98 -40.90 -6.82 15.52
N LYS B 99 -41.56 -7.61 16.35
CA LYS B 99 -41.35 -7.59 17.80
C LYS B 99 -39.88 -7.82 18.17
N HIS B 100 -39.19 -8.61 17.36
CA HIS B 100 -37.79 -8.93 17.64
C HIS B 100 -36.81 -8.13 16.77
N GLY B 101 -37.32 -7.16 16.01
CA GLY B 101 -36.45 -6.36 15.17
C GLY B 101 -35.84 -7.16 14.01
N SER B 102 -34.60 -6.84 13.67
CA SER B 102 -33.97 -7.40 12.47
C SER B 102 -32.50 -7.73 12.69
N ILE B 103 -32.08 -8.89 12.20
CA ILE B 103 -30.67 -9.26 12.27
C ILE B 103 -30.06 -9.39 10.87
N ILE B 104 -28.77 -9.10 10.77
CA ILE B 104 -28.12 -9.01 9.47
C ILE B 104 -26.86 -9.86 9.43
N TYR B 105 -26.63 -10.53 8.31
CA TYR B 105 -25.36 -11.25 8.10
C TYR B 105 -24.33 -10.33 7.50
N HIS B 106 -23.13 -10.30 8.09
CA HIS B 106 -22.04 -9.51 7.53
C HIS B 106 -20.74 -10.31 7.49
N PRO B 107 -20.18 -10.50 6.29
CA PRO B 107 -19.00 -11.37 6.12
C PRO B 107 -17.66 -10.74 6.51
N SER B 108 -17.61 -10.05 7.65
CA SER B 108 -16.35 -9.58 8.23
C SER B 108 -16.46 -9.52 9.75
N LEU B 109 -15.32 -9.34 10.42
CA LEU B 109 -15.31 -9.14 11.86
C LEU B 109 -15.60 -7.70 12.21
N LEU B 110 -16.89 -7.34 12.26
CA LEU B 110 -17.29 -6.01 12.68
C LEU B 110 -16.64 -5.69 14.03
N PRO B 111 -16.25 -4.42 14.23
CA PRO B 111 -16.58 -3.24 13.43
C PRO B 111 -15.70 -3.04 12.21
N ARG B 112 -14.71 -3.90 12.02
CA ARG B 112 -13.82 -3.80 10.86
C ARG B 112 -14.55 -4.20 9.57
N HIS B 113 -14.27 -3.45 8.50
CA HIS B 113 -14.79 -3.73 7.17
C HIS B 113 -16.32 -3.68 7.08
N ARG B 114 -16.91 -2.61 7.57
CA ARG B 114 -18.31 -2.34 7.25
C ARG B 114 -18.40 -2.10 5.74
N GLY B 115 -19.56 -2.35 5.15
CA GLY B 115 -19.70 -2.15 3.71
C GLY B 115 -20.10 -3.40 2.93
N ALA B 116 -20.29 -3.22 1.62
CA ALA B 116 -20.88 -4.27 0.79
C ALA B 116 -19.85 -5.22 0.15
N SER B 117 -18.57 -4.89 0.26
CA SER B 117 -17.51 -5.72 -0.31
C SER B 117 -16.49 -6.14 0.76
N ALA B 118 -17.01 -6.53 1.93
CA ALA B 118 -16.16 -6.74 3.10
C ALA B 118 -15.19 -7.90 2.93
N ILE B 119 -15.61 -8.91 2.17
CA ILE B 119 -14.74 -10.07 1.91
C ILE B 119 -13.55 -9.62 1.08
N ASN B 120 -13.83 -8.86 0.03
CA ASN B 120 -12.79 -8.26 -0.80
C ASN B 120 -11.77 -7.51 0.04
N TRP B 121 -12.28 -6.61 0.89
CA TRP B 121 -11.39 -5.73 1.65
C TRP B 121 -10.65 -6.46 2.76
N THR B 122 -11.23 -7.54 3.29
CA THR B 122 -10.51 -8.41 4.23
C THR B 122 -9.19 -8.89 3.60
N LEU B 123 -9.24 -9.24 2.32
CA LEU B 123 -8.06 -9.73 1.61
C LEU B 123 -7.15 -8.61 1.13
N ILE B 124 -7.75 -7.55 0.60
CA ILE B 124 -7.02 -6.43 0.04
C ILE B 124 -6.08 -5.85 1.07
N HIS B 125 -6.54 -5.80 2.33
CA HIS B 125 -5.73 -5.29 3.43
C HIS B 125 -4.81 -6.37 4.02
N GLY B 126 -4.87 -7.58 3.47
CA GLY B 126 -4.03 -8.66 3.94
C GLY B 126 -4.25 -9.01 5.41
N ASP B 127 -5.51 -9.00 5.84
CA ASP B 127 -5.86 -9.37 7.21
C ASP B 127 -5.48 -10.83 7.46
N LYS B 128 -5.02 -11.14 8.66
CA LYS B 128 -4.67 -12.52 9.01
C LYS B 128 -5.89 -13.28 9.50
N LYS B 129 -6.81 -12.57 10.13
CA LYS B 129 -8.08 -13.15 10.57
C LYS B 129 -9.24 -12.59 9.75
N GLY B 130 -10.22 -13.44 9.47
CA GLY B 130 -11.44 -13.00 8.81
C GLY B 130 -12.60 -13.72 9.48
N GLY B 131 -13.78 -13.65 8.87
CA GLY B 131 -14.94 -14.32 9.46
C GLY B 131 -16.20 -13.51 9.24
N PHE B 132 -17.24 -13.79 10.02
CA PHE B 132 -18.51 -13.09 9.81
C PHE B 132 -19.13 -12.66 11.13
N THR B 133 -20.09 -11.75 11.02
CA THR B 133 -20.80 -11.23 12.18
C THR B 133 -22.30 -11.32 11.95
N VAL B 134 -23.05 -11.67 12.98
CA VAL B 134 -24.50 -11.51 12.92
C VAL B 134 -24.82 -10.36 13.86
N PHE B 135 -25.47 -9.32 13.34
CA PHE B 135 -25.71 -8.15 14.17
C PHE B 135 -27.13 -7.62 14.04
N TRP B 136 -27.52 -6.81 15.03
CA TRP B 136 -28.83 -6.18 15.06
C TRP B 136 -28.83 -4.91 14.20
N ALA B 137 -29.72 -4.85 13.22
CA ALA B 137 -29.81 -3.67 12.36
C ALA B 137 -30.21 -2.43 13.14
N ASP B 138 -29.46 -1.35 12.99
CA ASP B 138 -29.92 -0.06 13.49
C ASP B 138 -29.97 0.97 12.34
N ASP B 139 -30.08 2.24 12.70
CA ASP B 139 -30.33 3.28 11.71
C ASP B 139 -29.08 3.66 10.91
N GLY B 140 -27.94 3.06 11.25
CA GLY B 140 -26.71 3.28 10.51
C GLY B 140 -26.41 2.08 9.61
N LEU B 141 -25.28 2.14 8.91
CA LEU B 141 -24.93 1.09 7.94
C LEU B 141 -23.88 0.14 8.52
N ASP B 142 -24.32 -1.08 8.86
CA ASP B 142 -23.48 -2.11 9.48
C ASP B 142 -22.91 -1.69 10.84
N THR B 143 -23.63 -0.81 11.53
CA THR B 143 -23.15 -0.24 12.79
C THR B 143 -23.82 -0.85 14.02
N GLY B 144 -24.92 -1.58 13.78
CA GLY B 144 -25.72 -2.11 14.87
C GLY B 144 -25.00 -3.08 15.78
N PRO B 145 -25.54 -3.31 16.99
CA PRO B 145 -24.86 -4.16 17.97
C PRO B 145 -24.74 -5.62 17.55
N ILE B 146 -23.69 -6.27 18.01
CA ILE B 146 -23.34 -7.64 17.63
C ILE B 146 -24.18 -8.66 18.41
N LEU B 147 -24.66 -9.68 17.72
CA LEU B 147 -25.33 -10.80 18.38
C LEU B 147 -24.29 -11.89 18.58
N LEU B 148 -23.63 -12.29 17.49
CA LEU B 148 -22.51 -13.22 17.59
C LEU B 148 -21.53 -12.99 16.45
N GLN B 149 -20.33 -13.54 16.60
CA GLN B 149 -19.28 -13.37 15.63
C GLN B 149 -18.49 -14.68 15.55
N ARG B 150 -17.97 -15.00 14.37
CA ARG B 150 -17.18 -16.22 14.21
C ARG B 150 -15.93 -15.92 13.38
N GLU B 151 -14.79 -16.48 13.79
CA GLU B 151 -13.52 -16.19 13.15
C GLU B 151 -12.99 -17.35 12.32
N CYS B 152 -12.18 -17.03 11.31
CA CYS B 152 -11.40 -18.03 10.61
C CYS B 152 -10.07 -17.42 10.20
N ASP B 153 -9.07 -18.29 9.97
CA ASP B 153 -7.78 -17.85 9.46
C ASP B 153 -7.92 -17.42 8.00
N VAL B 154 -7.21 -16.38 7.61
CA VAL B 154 -7.08 -16.04 6.21
C VAL B 154 -5.82 -16.72 5.67
N GLU B 155 -5.95 -17.47 4.59
CA GLU B 155 -4.80 -18.12 3.99
C GLU B 155 -4.07 -17.13 3.09
N PRO B 156 -2.73 -17.19 3.08
CA PRO B 156 -1.89 -16.24 2.33
C PRO B 156 -2.32 -16.06 0.87
N ASN B 157 -2.79 -17.14 0.26
CA ASN B 157 -3.21 -17.10 -1.14
C ASN B 157 -4.72 -17.25 -1.33
N ASP B 158 -5.48 -17.08 -0.25
CA ASP B 158 -6.94 -17.02 -0.34
C ASP B 158 -7.38 -15.98 -1.38
N ASN B 159 -8.37 -16.31 -2.20
CA ASN B 159 -9.06 -15.26 -2.94
C ASN B 159 -10.47 -15.17 -2.39
N VAL B 160 -11.33 -14.37 -3.03
CA VAL B 160 -12.67 -14.16 -2.48
C VAL B 160 -13.46 -15.47 -2.52
N ASN B 161 -13.34 -16.21 -3.63
CA ASN B 161 -14.05 -17.48 -3.75
C ASN B 161 -13.67 -18.51 -2.69
N SER B 162 -12.37 -18.69 -2.48
CA SER B 162 -11.90 -19.75 -1.58
C SER B 162 -12.32 -19.50 -0.13
N ILE B 163 -12.18 -18.27 0.37
CA ILE B 163 -12.52 -18.02 1.76
C ILE B 163 -14.05 -18.04 1.92
N TYR B 164 -14.78 -17.58 0.91
CA TYR B 164 -16.24 -17.60 0.96
C TYR B 164 -16.78 -19.04 1.03
N LYS B 165 -16.28 -19.88 0.13
CA LYS B 165 -16.72 -21.28 0.06
C LYS B 165 -16.27 -22.12 1.25
N ARG B 166 -15.05 -21.89 1.72
CA ARG B 166 -14.52 -22.68 2.84
C ARG B 166 -15.24 -22.39 4.16
N PHE B 167 -15.51 -21.11 4.44
CA PHE B 167 -15.96 -20.72 5.76
C PHE B 167 -17.16 -19.79 5.77
N LEU B 168 -17.05 -18.67 5.06
CA LEU B 168 -18.03 -17.60 5.19
C LEU B 168 -19.44 -18.05 4.81
N PHE B 169 -19.58 -18.80 3.73
CA PHE B 169 -20.88 -19.34 3.34
C PHE B 169 -21.35 -20.42 4.32
N PRO B 170 -20.62 -21.55 4.43
CA PRO B 170 -21.24 -22.62 5.24
C PRO B 170 -21.35 -22.32 6.74
N GLU B 171 -20.37 -21.63 7.32
CA GLU B 171 -20.46 -21.33 8.75
C GLU B 171 -21.36 -20.13 8.98
N GLY B 172 -21.47 -19.27 7.98
CA GLY B 172 -22.38 -18.14 8.03
C GLY B 172 -23.84 -18.58 8.12
N VAL B 173 -24.21 -19.61 7.36
CA VAL B 173 -25.56 -20.15 7.42
C VAL B 173 -25.88 -20.69 8.81
N LYS B 174 -24.94 -21.44 9.39
CA LYS B 174 -25.11 -21.96 10.74
C LYS B 174 -25.20 -20.83 11.77
N GLY B 175 -24.38 -19.80 11.58
CA GLY B 175 -24.39 -18.64 12.47
C GLY B 175 -25.74 -17.96 12.49
N MET B 176 -26.37 -17.83 11.33
CA MET B 176 -27.70 -17.24 11.24
C MET B 176 -28.74 -18.10 11.95
N VAL B 177 -28.63 -19.42 11.78
CA VAL B 177 -29.55 -20.33 12.43
C VAL B 177 -29.36 -20.29 13.95
N GLU B 178 -28.10 -20.30 14.39
CA GLU B 178 -27.82 -20.22 15.82
C GLU B 178 -28.32 -18.89 16.39
N ALA B 179 -28.18 -17.83 15.61
CA ALA B 179 -28.65 -16.51 16.03
C ALA B 179 -30.15 -16.51 16.29
N VAL B 180 -30.92 -17.02 15.34
CA VAL B 180 -32.38 -17.07 15.49
C VAL B 180 -32.75 -17.92 16.70
N ARG B 181 -32.05 -19.04 16.87
CA ARG B 181 -32.26 -19.90 18.02
C ARG B 181 -32.09 -19.13 19.33
N LEU B 182 -31.05 -18.31 19.40
CA LEU B 182 -30.80 -17.52 20.61
C LEU B 182 -31.93 -16.51 20.84
N ILE B 183 -32.41 -15.92 19.75
CA ILE B 183 -33.50 -14.95 19.82
C ILE B 183 -34.76 -15.65 20.34
N ALA B 184 -35.02 -16.86 19.84
CA ALA B 184 -36.21 -17.62 20.24
C ALA B 184 -36.23 -17.92 21.75
N THR B 185 -35.05 -18.16 22.33
CA THR B 185 -34.97 -18.43 23.76
C THR B 185 -34.77 -17.16 24.57
N GLY B 186 -34.66 -16.02 23.87
CA GLY B 186 -34.50 -14.74 24.54
C GLY B 186 -33.13 -14.53 25.14
N LYS B 187 -32.14 -15.24 24.62
CA LYS B 187 -30.78 -15.18 25.17
C LYS B 187 -29.82 -14.39 24.30
N ALA B 188 -30.23 -14.11 23.06
CA ALA B 188 -29.41 -13.33 22.15
C ALA B 188 -29.00 -11.99 22.79
N PRO B 189 -27.70 -11.68 22.75
CA PRO B 189 -27.17 -10.46 23.36
C PRO B 189 -27.14 -9.31 22.36
N ARG B 190 -26.78 -8.13 22.84
CA ARG B 190 -26.65 -6.95 22.00
C ARG B 190 -25.36 -6.23 22.37
N ILE B 191 -24.25 -6.65 21.77
CA ILE B 191 -22.96 -6.10 22.12
C ILE B 191 -22.68 -4.90 21.23
N LYS B 192 -22.70 -3.70 21.81
CA LYS B 192 -22.43 -2.49 21.04
C LYS B 192 -21.06 -2.60 20.38
N GLN B 193 -21.01 -2.41 19.07
CA GLN B 193 -19.74 -2.44 18.36
C GLN B 193 -18.76 -1.46 18.97
N PRO B 194 -17.55 -1.92 19.32
CA PRO B 194 -16.53 -1.00 19.84
C PRO B 194 -16.12 0.02 18.79
N GLU B 195 -15.79 1.24 19.22
CA GLU B 195 -15.34 2.26 18.28
C GLU B 195 -13.98 1.94 17.67
N GLU B 196 -13.08 1.38 18.48
CA GLU B 196 -11.76 1.01 18.01
C GLU B 196 -11.83 -0.08 16.93
N GLY B 197 -11.14 0.15 15.82
CA GLY B 197 -11.06 -0.82 14.75
C GLY B 197 -12.16 -0.71 13.70
N ALA B 198 -13.05 0.26 13.88
CA ALA B 198 -14.14 0.45 12.92
C ALA B 198 -13.65 1.01 11.59
N THR B 199 -13.98 0.33 10.49
CA THR B 199 -13.67 0.86 9.16
C THR B 199 -14.86 0.63 8.22
N TYR B 200 -14.92 1.39 7.13
CA TYR B 200 -15.92 1.18 6.08
C TYR B 200 -15.22 1.32 4.74
N GLU B 201 -15.54 0.45 3.78
CA GLU B 201 -14.92 0.54 2.46
C GLU B 201 -15.96 0.45 1.34
N CYS B 202 -15.60 1.00 0.18
CA CYS B 202 -16.50 1.11 -0.96
C CYS B 202 -16.84 -0.25 -1.60
N ILE B 203 -17.89 -0.25 -2.42
CA ILE B 203 -18.25 -1.45 -3.18
C ILE B 203 -17.20 -1.68 -4.27
N GLN B 204 -16.69 -2.90 -4.37
CA GLN B 204 -15.79 -3.22 -5.46
C GLN B 204 -16.57 -3.50 -6.74
N LYS B 205 -16.39 -2.63 -7.74
CA LYS B 205 -16.94 -2.85 -9.07
C LYS B 205 -15.76 -2.98 -10.02
N LYS B 206 -16.01 -3.33 -11.28
CA LYS B 206 -14.91 -3.51 -12.23
C LYS B 206 -14.05 -2.25 -12.35
N GLU B 207 -14.70 -1.09 -12.35
CA GLU B 207 -14.01 0.19 -12.54
C GLU B 207 -12.95 0.44 -11.47
N ASN B 208 -13.32 0.28 -10.21
CA ASN B 208 -12.39 0.59 -9.12
C ASN B 208 -11.58 -0.61 -8.63
N SER B 209 -11.49 -1.65 -9.46
CA SER B 209 -10.62 -2.79 -9.14
C SER B 209 -9.37 -2.74 -10.02
N LYS B 210 -9.16 -1.59 -10.66
CA LYS B 210 -7.96 -1.36 -11.46
C LYS B 210 -6.73 -1.47 -10.57
N ILE B 211 -5.69 -2.12 -11.06
CA ILE B 211 -4.48 -2.31 -10.26
C ILE B 211 -3.65 -1.03 -10.19
N ASP B 212 -3.23 -0.68 -8.97
CA ASP B 212 -2.27 0.40 -8.78
C ASP B 212 -0.89 -0.25 -8.60
N TRP B 213 -0.04 -0.11 -9.62
CA TRP B 213 1.27 -0.77 -9.62
C TRP B 213 2.24 -0.14 -8.63
N ASN B 214 2.02 1.13 -8.29
CA ASN B 214 2.92 1.84 -7.37
C ASN B 214 2.72 1.40 -5.91
N GLN B 215 2.89 0.10 -5.67
CA GLN B 215 2.73 -0.48 -4.33
C GLN B 215 3.76 -1.57 -4.10
N PRO B 216 3.94 -2.01 -2.84
CA PRO B 216 4.78 -3.19 -2.60
C PRO B 216 4.20 -4.44 -3.24
N ALA B 217 5.02 -5.45 -3.53
CA ALA B 217 4.53 -6.68 -4.13
C ALA B 217 3.37 -7.30 -3.33
N GLU B 218 3.49 -7.30 -2.00
CA GLU B 218 2.48 -7.93 -1.15
C GLU B 218 1.13 -7.20 -1.26
N ALA B 219 1.18 -5.88 -1.36
CA ALA B 219 -0.03 -5.09 -1.54
C ALA B 219 -0.71 -5.42 -2.87
N ILE B 220 0.10 -5.61 -3.91
CA ILE B 220 -0.41 -5.93 -5.24
C ILE B 220 -1.02 -7.32 -5.23
N HIS B 221 -0.31 -8.26 -4.61
CA HIS B 221 -0.81 -9.61 -4.39
C HIS B 221 -2.18 -9.61 -3.71
N ASN B 222 -2.28 -8.85 -2.62
CA ASN B 222 -3.53 -8.79 -1.88
C ASN B 222 -4.63 -8.13 -2.69
N TRP B 223 -4.27 -7.15 -3.51
CA TRP B 223 -5.25 -6.47 -4.35
C TRP B 223 -5.83 -7.42 -5.39
N ILE B 224 -4.96 -8.20 -6.02
CA ILE B 224 -5.40 -9.11 -7.05
C ILE B 224 -6.25 -10.24 -6.46
N ARG B 225 -5.81 -10.83 -5.36
CA ARG B 225 -6.55 -11.95 -4.78
C ARG B 225 -7.82 -11.46 -4.09
N GLY B 226 -7.81 -10.22 -3.63
CA GLY B 226 -8.97 -9.64 -2.98
C GLY B 226 -10.09 -9.25 -3.94
N ASN B 227 -9.79 -9.30 -5.23
CA ASN B 227 -10.79 -9.02 -6.27
C ASN B 227 -10.97 -10.21 -7.21
N ASP B 228 -10.54 -11.37 -6.74
CA ASP B 228 -10.50 -12.59 -7.54
C ASP B 228 -11.54 -13.55 -6.93
N ARG B 229 -12.53 -13.98 -7.71
CA ARG B 229 -12.62 -13.69 -9.15
C ARG B 229 -13.42 -12.43 -9.50
N VAL B 230 -14.25 -11.96 -8.58
CA VAL B 230 -15.14 -10.83 -8.85
C VAL B 230 -14.75 -9.63 -7.99
N PRO B 231 -14.63 -8.44 -8.58
CA PRO B 231 -14.86 -8.05 -9.98
C PRO B 231 -13.72 -8.42 -10.94
N GLY B 232 -12.55 -8.74 -10.41
CA GLY B 232 -11.39 -9.05 -11.24
C GLY B 232 -10.46 -7.86 -11.37
N ALA B 233 -9.34 -7.90 -10.66
CA ALA B 233 -8.33 -6.85 -10.77
C ALA B 233 -7.79 -6.79 -12.19
N TRP B 234 -7.58 -5.59 -12.70
CA TRP B 234 -7.13 -5.43 -14.08
C TRP B 234 -6.09 -4.31 -14.24
N ALA B 235 -5.41 -4.31 -15.38
CA ALA B 235 -4.51 -3.22 -15.75
C ALA B 235 -4.37 -3.19 -17.26
N GLU B 236 -3.89 -2.08 -17.80
CA GLU B 236 -3.66 -1.99 -19.23
C GLU B 236 -2.37 -2.69 -19.62
N ILE B 237 -2.45 -3.52 -20.67
CA ILE B 237 -1.26 -4.10 -21.28
C ILE B 237 -1.41 -4.01 -22.79
N ASP B 238 -0.50 -3.27 -23.42
CA ASP B 238 -0.47 -3.11 -24.87
C ASP B 238 -1.81 -2.58 -25.42
N GLY B 239 -2.39 -1.60 -24.73
CA GLY B 239 -3.61 -0.97 -25.18
C GLY B 239 -4.87 -1.69 -24.74
N LYS B 240 -4.72 -2.85 -24.12
CA LYS B 240 -5.86 -3.66 -23.73
C LYS B 240 -6.00 -3.76 -22.21
N SER B 241 -7.25 -3.83 -21.75
CA SER B 241 -7.54 -4.03 -20.33
C SER B 241 -7.47 -5.53 -20.01
N VAL B 242 -6.43 -5.91 -19.28
CA VAL B 242 -6.18 -7.31 -18.95
C VAL B 242 -6.49 -7.59 -17.47
N SER B 243 -7.28 -8.61 -17.19
CA SER B 243 -7.61 -8.97 -15.81
C SER B 243 -6.66 -10.05 -15.29
N PHE B 244 -6.36 -9.98 -13.99
CA PHE B 244 -5.36 -10.85 -13.37
C PHE B 244 -5.99 -11.79 -12.35
N TYR B 245 -5.63 -13.07 -12.41
CA TYR B 245 -6.12 -14.06 -11.46
C TYR B 245 -5.04 -15.05 -11.03
N GLY B 246 -5.16 -15.59 -9.82
CA GLY B 246 -4.23 -16.60 -9.33
C GLY B 246 -2.88 -16.05 -8.97
N SER B 247 -2.85 -15.13 -8.02
CA SER B 247 -1.62 -14.49 -7.59
C SER B 247 -0.94 -15.26 -6.44
N THR B 248 0.39 -15.34 -6.50
CA THR B 248 1.20 -15.81 -5.37
C THR B 248 2.40 -14.88 -5.16
N LEU B 249 2.95 -14.87 -3.95
CA LEU B 249 4.15 -14.08 -3.68
C LEU B 249 5.40 -14.90 -3.98
N LEU B 250 6.43 -14.23 -4.50
CA LEU B 250 7.62 -14.91 -5.03
C LEU B 250 8.90 -14.44 -4.37
N GLU B 251 9.63 -15.39 -3.76
CA GLU B 251 10.91 -15.08 -3.14
C GLU B 251 12.07 -15.54 -4.03
N ASN B 252 11.83 -16.56 -4.83
CA ASN B 252 12.91 -17.29 -5.48
C ASN B 252 12.43 -18.13 -6.68
N ASP B 253 13.32 -18.50 -7.60
CA ASP B 253 14.77 -18.24 -7.51
C ASP B 253 15.13 -16.82 -7.94
N HIS B 254 14.91 -16.52 -9.22
CA HIS B 254 15.28 -15.21 -9.77
C HIS B 254 14.12 -14.22 -10.07
N PHE B 255 13.02 -14.61 -10.73
CA PHE B 255 12.61 -15.98 -11.10
C PHE B 255 13.43 -16.62 -12.22
N SER B 256 13.84 -17.86 -12.00
CA SER B 256 14.55 -18.67 -12.98
C SER B 256 13.56 -19.49 -13.82
N SER B 257 13.68 -19.47 -15.14
CA SER B 257 14.77 -18.84 -15.88
C SER B 257 14.34 -18.46 -17.29
N ASN B 258 15.14 -17.63 -17.95
CA ASN B 258 14.89 -17.19 -19.33
C ASN B 258 13.50 -16.59 -19.52
N GLY B 259 13.13 -15.66 -18.64
CA GLY B 259 11.87 -14.96 -18.77
C GLY B 259 11.90 -13.95 -19.90
N GLN B 260 10.75 -13.67 -20.50
CA GLN B 260 10.69 -12.68 -21.57
C GLN B 260 9.98 -11.41 -21.10
N PRO B 261 10.66 -10.26 -21.25
CA PRO B 261 10.13 -8.99 -20.73
C PRO B 261 8.80 -8.59 -21.37
N LEU B 262 7.88 -8.09 -20.55
CA LEU B 262 6.61 -7.56 -21.01
C LEU B 262 6.38 -6.18 -20.42
N GLU B 263 6.32 -5.18 -21.28
CA GLU B 263 6.13 -3.82 -20.80
C GLU B 263 4.71 -3.64 -20.29
N ILE B 264 4.58 -3.08 -19.10
CA ILE B 264 3.27 -2.82 -18.50
C ILE B 264 3.24 -1.37 -18.01
N PRO B 265 2.36 -0.55 -18.59
CA PRO B 265 2.27 0.88 -18.29
C PRO B 265 2.10 1.14 -16.80
N GLY B 266 3.05 1.85 -16.19
CA GLY B 266 2.95 2.18 -14.78
C GLY B 266 3.57 1.16 -13.85
N ALA B 267 3.97 0.00 -14.39
CA ALA B 267 4.67 -1.00 -13.57
C ALA B 267 6.04 -0.46 -13.17
N SER B 268 6.46 -0.76 -11.93
CA SER B 268 7.74 -0.25 -11.42
C SER B 268 8.89 -0.58 -12.35
N ARG B 269 8.82 -1.77 -12.96
CA ARG B 269 9.66 -2.14 -14.09
C ARG B 269 8.91 -3.19 -14.91
N ALA B 270 9.41 -3.53 -16.09
CA ALA B 270 8.72 -4.47 -16.98
C ALA B 270 8.46 -5.82 -16.33
N ALA B 271 7.31 -6.41 -16.64
CA ALA B 271 6.99 -7.75 -16.15
C ALA B 271 7.85 -8.79 -16.85
N LEU B 272 7.77 -10.04 -16.40
CA LEU B 272 8.49 -11.12 -17.06
C LEU B 272 7.55 -12.29 -17.29
N VAL B 273 7.38 -12.67 -18.56
CA VAL B 273 6.59 -13.85 -18.88
C VAL B 273 7.50 -15.05 -18.73
N THR B 274 7.12 -15.97 -17.87
CA THR B 274 7.96 -17.12 -17.56
C THR B 274 7.15 -18.41 -17.62
N LYS B 275 7.84 -19.56 -17.58
CA LYS B 275 7.20 -20.87 -17.63
C LYS B 275 6.10 -21.04 -16.60
N ASN B 276 6.32 -20.47 -15.41
CA ASN B 276 5.37 -20.62 -14.30
C ASN B 276 4.29 -19.54 -14.27
N GLY B 277 4.45 -18.53 -15.11
CA GLY B 277 3.44 -17.47 -15.20
C GLY B 277 4.06 -16.09 -15.34
N LEU B 278 3.25 -15.07 -15.08
CA LEU B 278 3.69 -13.69 -15.23
C LEU B 278 4.32 -13.18 -13.93
N VAL B 279 5.63 -12.96 -13.95
CA VAL B 279 6.33 -12.39 -12.79
C VAL B 279 6.17 -10.87 -12.79
N LEU B 280 5.67 -10.33 -11.68
CA LEU B 280 5.43 -8.89 -11.58
C LEU B 280 6.26 -8.27 -10.47
N PHE B 281 6.68 -7.02 -10.66
CA PHE B 281 7.55 -6.34 -9.69
C PHE B 281 6.81 -5.21 -8.96
N GLY B 282 7.02 -5.10 -7.64
CA GLY B 282 6.44 -4.02 -6.86
C GLY B 282 7.38 -2.84 -6.68
N ASN B 283 6.91 -1.76 -6.05
CA ASN B 283 7.76 -0.60 -5.82
C ASN B 283 8.67 -0.79 -4.61
N ASP B 284 8.63 -1.99 -4.03
CA ASP B 284 9.55 -2.34 -2.95
C ASP B 284 10.67 -3.23 -3.49
N GLY B 285 10.54 -3.62 -4.77
CA GLY B 285 11.55 -4.42 -5.42
C GLY B 285 11.22 -5.91 -5.35
N LYS B 286 10.16 -6.25 -4.64
CA LYS B 286 9.78 -7.64 -4.44
C LYS B 286 8.84 -8.10 -5.56
N MET B 287 8.64 -9.41 -5.66
CA MET B 287 7.93 -9.99 -6.80
C MET B 287 6.67 -10.75 -6.41
N LEU B 288 5.70 -10.75 -7.31
CA LEU B 288 4.57 -11.68 -7.24
C LEU B 288 4.46 -12.42 -8.57
N LEU B 289 3.65 -13.48 -8.58
CA LEU B 289 3.46 -14.31 -9.76
C LEU B 289 1.97 -14.47 -10.05
N VAL B 290 1.55 -14.13 -11.27
CA VAL B 290 0.15 -14.29 -11.65
C VAL B 290 0.01 -15.45 -12.65
N LYS B 291 -0.87 -16.39 -12.35
CA LYS B 291 -0.99 -17.60 -13.15
C LYS B 291 -1.95 -17.47 -14.34
N ASN B 292 -2.96 -16.61 -14.22
CA ASN B 292 -3.99 -16.51 -15.27
C ASN B 292 -4.32 -15.09 -15.66
N LEU B 293 -4.46 -14.87 -16.97
CA LEU B 293 -4.87 -13.57 -17.51
C LEU B 293 -6.16 -13.70 -18.31
N GLN B 294 -6.98 -12.66 -18.29
CA GLN B 294 -8.21 -12.68 -19.07
C GLN B 294 -8.41 -11.36 -19.80
N PHE B 295 -8.69 -11.46 -21.10
CA PHE B 295 -8.93 -10.28 -21.91
C PHE B 295 -10.42 -9.99 -22.00
N GLU B 296 -10.76 -8.82 -22.53
CA GLU B 296 -12.15 -8.44 -22.75
C GLU B 296 -12.80 -9.44 -23.71
N ASP B 297 -14.10 -9.65 -23.52
CA ASP B 297 -14.87 -10.67 -24.24
C ASP B 297 -14.33 -12.08 -24.02
N GLY B 298 -13.67 -12.30 -22.87
CA GLY B 298 -13.60 -13.62 -22.29
C GLY B 298 -12.41 -14.55 -22.46
N LYS B 299 -11.54 -14.33 -23.43
CA LYS B 299 -10.43 -15.25 -23.65
C LYS B 299 -9.51 -15.36 -22.43
N MET B 300 -9.41 -16.58 -21.88
CA MET B 300 -8.60 -16.83 -20.68
C MET B 300 -7.35 -17.66 -20.99
N ILE B 301 -6.18 -17.16 -20.60
CA ILE B 301 -4.92 -17.85 -20.88
C ILE B 301 -4.00 -17.87 -19.66
N PRO B 302 -3.18 -18.92 -19.52
CA PRO B 302 -2.15 -18.85 -18.48
C PRO B 302 -1.14 -17.75 -18.80
N GLY B 303 -0.64 -17.08 -17.77
CA GLY B 303 0.30 -16.00 -17.97
C GLY B 303 1.56 -16.42 -18.69
N SER B 304 1.94 -17.69 -18.52
CA SER B 304 3.12 -18.25 -19.17
C SER B 304 3.01 -18.23 -20.69
N GLN B 305 1.79 -18.12 -21.17
CA GLN B 305 1.53 -18.20 -22.61
C GLN B 305 1.04 -16.86 -23.19
N TYR B 306 1.41 -15.75 -22.57
CA TYR B 306 1.02 -14.42 -23.09
C TYR B 306 1.53 -14.20 -24.50
N PHE B 307 2.76 -14.63 -24.77
CA PHE B 307 3.34 -14.49 -26.10
C PHE B 307 2.98 -15.67 -26.99
N LYS B 308 3.13 -16.88 -26.44
CA LYS B 308 2.79 -18.12 -27.14
C LYS B 308 1.29 -18.20 -27.44
C1 PEG C . 21.07 14.22 4.62
O1 PEG C . 21.00 15.51 5.22
C2 PEG C . 19.71 13.85 4.00
O2 PEG C . 19.88 13.01 2.84
C3 PEG C . 18.66 12.64 2.19
C4 PEG C . 18.24 13.71 1.14
O4 PEG C . 17.55 14.79 1.77
N3 THG D . 8.86 8.18 -12.69
C2 THG D . 7.81 8.99 -12.42
N1 THG D . 7.72 9.73 -11.28
C8A THG D . 8.69 9.66 -10.38
C4A THG D . 9.79 8.84 -10.61
C4 THG D . 9.81 8.13 -11.78
N8 THG D . 8.60 10.41 -9.19
C7 THG D . 9.84 10.63 -8.55
C6 THG D . 10.42 9.28 -8.32
N5 THG D . 10.82 8.78 -9.62
C9 THG D . 11.60 9.40 -7.39
N10 THG D . 12.11 8.08 -6.97
C4' THG D . 11.38 7.26 -6.01
C3' THG D . 10.31 7.80 -5.25
C2' THG D . 9.63 7.01 -4.32
C1' THG D . 10.01 5.65 -4.16
C6' THG D . 11.06 5.12 -4.90
C5' THG D . 11.75 5.92 -5.83
C11 THG D . 9.26 4.77 -3.13
N THG D . 8.43 5.40 -2.18
CA THG D . 7.74 4.61 -1.22
C THG D . 6.36 4.28 -1.77
OX2 THG D . 5.72 5.14 -2.44
OX1 THG D . 5.87 3.14 -1.55
CB THG D . 7.62 5.41 0.05
CG THG D . 7.32 4.48 1.23
CD THG D . 6.98 5.34 2.43
OE1 THG D . 7.39 6.53 2.48
OE2 THG D . 6.28 4.87 3.37
O11 THG D . 9.38 3.56 -3.12
O4 THG D . 10.77 7.39 -12.00
N2 THG D . 6.77 9.07 -13.36
C1 PEG E . -22.71 -13.31 -2.54
O1 PEG E . -23.87 -12.51 -2.75
C2 PEG E . -21.46 -12.41 -2.40
O2 PEG E . -20.26 -13.21 -2.27
C3 PEG E . -19.78 -13.73 -3.52
C4 PEG E . -18.44 -14.47 -3.30
O4 PEG E . -18.33 -15.55 -4.22
N3 THG F . 12.84 -2.32 -10.15
C2 THG F . 11.90 -2.74 -9.27
N1 THG F . 11.97 -3.94 -8.63
C8A THG F . 12.98 -4.75 -8.87
C4A THG F . 13.97 -4.37 -9.78
C4 THG F . 13.85 -3.15 -10.37
N8 THG F . 13.03 -5.99 -8.21
C7 THG F . 14.32 -6.51 -8.13
C6 THG F . 14.69 -6.63 -9.56
N5 THG F . 15.05 -5.30 -10.00
C9 THG F . 15.81 -7.63 -9.72
N10 THG F . 16.26 -7.58 -11.11
C4' THG F . 16.03 -8.69 -12.06
C3' THG F . 16.21 -8.42 -13.44
C2' THG F . 16.02 -9.43 -14.37
C1' THG F . 15.63 -10.72 -13.95
C6' THG F . 15.46 -11.00 -12.58
C5' THG F . 15.65 -9.96 -11.63
C11 THG F . 15.47 -11.77 -15.07
N THG F . 16.02 -11.36 -16.30
CA THG F . 16.13 -12.04 -17.57
C THG F . 15.95 -11.10 -18.74
OX2 THG F . 16.60 -11.32 -19.80
OX1 THG F . 15.16 -10.11 -18.68
CB THG F . 15.22 -13.22 -17.76
CG THG F . 16.12 -14.25 -18.41
CD THG F . 17.01 -14.89 -17.36
OE1 THG F . 16.55 -15.75 -16.56
OE2 THG F . 18.22 -14.54 -17.27
O11 THG F . 14.92 -12.85 -14.86
O4 THG F . 14.70 -2.78 -11.18
N2 THG F . 10.80 -1.93 -8.96
N3 THG G . -29.02 -1.10 8.68
C2 THG G . -30.17 -1.01 7.99
N1 THG G . -30.35 -1.65 6.79
C8A THG G . -29.38 -2.38 6.27
C4A THG G . -28.17 -2.48 6.96
C4 THG G . -28.06 -1.82 8.15
N8 THG G . -29.55 -3.04 5.03
C7 THG G . -28.69 -4.11 4.82
C6 THG G . -27.30 -3.58 4.98
N5 THG G . -27.12 -3.28 6.39
C9 THG G . -26.31 -4.61 4.50
N10 THG G . -24.96 -4.06 4.30
C4' THG G . -24.71 -3.07 3.24
C3' THG G . -23.59 -2.20 3.30
C2' THG G . -23.39 -1.26 2.28
C1' THG G . -24.29 -1.19 1.19
C6' THG G . -25.38 -2.04 1.13
C5' THG G . -25.60 -3.00 2.16
C11 THG G . -24.09 -0.15 0.04
N THG G . -23.27 0.96 0.20
CA THG G . -23.14 1.88 -0.88
C THG G . -21.68 2.08 -1.25
OX2 THG G . -20.75 1.90 -0.40
OX1 THG G . -21.39 2.42 -2.43
CB THG G . -23.77 3.22 -0.53
CG THG G . -25.02 3.42 -1.41
CD THG G . -26.13 2.47 -0.96
OE1 THG G . -26.65 1.65 -1.77
OE2 THG G . -26.53 2.51 0.23
O11 THG G . -24.69 -0.29 -1.01
O4 THG G . -27.00 -1.92 8.75
N2 THG G . -31.23 -0.26 8.50
#